data_9LGG
#
_entry.id   9LGG
#
_cell.length_a   103.644
_cell.length_b   103.644
_cell.length_c   305.216
_cell.angle_alpha   90.000
_cell.angle_beta   90.000
_cell.angle_gamma   120.000
#
_symmetry.space_group_name_H-M   'P 64'
#
loop_
_entity.id
_entity.type
_entity.pdbx_description
1 polymer 'Muscle, skeletal receptor tyrosine-protein kinase,Ig3-Fz domains of hMuSK:L1 peptide'
2 branched 2-acetamido-2-deoxy-beta-D-glucopyranose-(1-4)-2-acetamido-2-deoxy-beta-D-glucopyranose
3 non-polymer 2-acetamido-2-deoxy-beta-D-glucopyranose
#
_entity_poly.entity_id   1
_entity_poly.type   'polypeptide(L)'
_entity_poly.pdbx_seq_one_letter_code
;GKDGSVFARILRAPESHNVTFGSFVTLHCTATGIPVPTITWIENGNAVSSGSIQESVKDRVIDSRLQLFITKPGLYTCIA
TNKHGEKFSTAKAAATISIAEWSKPQKDNKGYCAQYRGEVCNAVLAKDALVFLNTSYADPEEAQELLVHTAWNELKVVSP
VCRPAAEALLCNHIFQECSPGVVPTPIPICREYCLAVKELFCAKEWLVMEEKTHRGLYRSEMHLLSVPECSKLPSMHWDP
TACARLPHLESRYLPEFSWPESFVLFLRQRQRQLGRGAE
;
_entity_poly.pdbx_strand_id   A,B,C,D
#
loop_
_chem_comp.id
_chem_comp.type
_chem_comp.name
_chem_comp.formula
NAG D-saccharide, beta linking 2-acetamido-2-deoxy-beta-D-glucopyranose 'C8 H15 N O6'
#
# COMPACT_ATOMS: atom_id res chain seq x y z
N VAL A 6 10.63 38.25 26.57
CA VAL A 6 11.14 37.75 25.30
C VAL A 6 11.02 36.22 25.24
N PHE A 7 11.26 35.55 26.36
CA PHE A 7 11.12 34.10 26.42
C PHE A 7 9.65 33.70 26.36
N ALA A 8 9.43 32.42 26.03
CA ALA A 8 8.07 31.92 25.81
C ALA A 8 7.29 31.86 27.12
N ARG A 9 6.05 32.33 27.08
CA ARG A 9 5.21 32.38 28.27
C ARG A 9 3.78 32.03 27.88
N ILE A 10 3.08 31.34 28.77
CA ILE A 10 1.70 30.94 28.53
C ILE A 10 0.78 31.90 29.27
N LEU A 11 -0.10 32.58 28.53
CA LEU A 11 -1.05 33.51 29.14
C LEU A 11 -2.33 32.79 29.57
N ARG A 12 -3.05 32.20 28.63
CA ARG A 12 -4.27 31.45 28.92
C ARG A 12 -3.96 29.96 28.82
N ALA A 13 -3.91 29.28 29.97
CA ALA A 13 -3.62 27.86 30.02
C ALA A 13 -4.88 27.04 29.74
N PRO A 14 -4.74 25.84 29.20
CA PRO A 14 -5.89 24.95 29.04
C PRO A 14 -6.50 24.62 30.40
N GLU A 15 -7.81 24.41 30.40
CA GLU A 15 -8.55 24.17 31.62
C GLU A 15 -9.09 22.75 31.64
N SER A 16 -9.08 22.15 32.82
CA SER A 16 -9.55 20.78 32.98
C SER A 16 -11.04 20.69 32.69
N HIS A 17 -11.43 19.59 32.05
CA HIS A 17 -12.82 19.35 31.66
C HIS A 17 -13.31 18.06 32.30
N ASN A 18 -14.59 18.05 32.68
CA ASN A 18 -15.26 16.86 33.21
C ASN A 18 -16.52 16.68 32.38
N VAL A 19 -16.44 15.88 31.31
CA VAL A 19 -17.50 15.75 30.32
C VAL A 19 -18.06 14.34 30.34
N THR A 20 -19.17 14.16 29.61
CA THR A 20 -19.75 12.84 29.43
C THR A 20 -19.13 12.13 28.23
N PHE A 21 -19.40 10.84 28.12
CA PHE A 21 -18.91 10.05 27.00
C PHE A 21 -19.42 10.60 25.69
N GLY A 22 -18.53 10.68 24.71
CA GLY A 22 -18.91 11.13 23.38
C GLY A 22 -19.18 12.61 23.27
N SER A 23 -18.42 13.44 23.99
CA SER A 23 -18.57 14.88 23.94
C SER A 23 -17.43 15.50 23.14
N PHE A 24 -17.75 16.51 22.34
CA PHE A 24 -16.72 17.31 21.68
C PHE A 24 -16.33 18.46 22.58
N VAL A 25 -15.03 18.62 22.81
CA VAL A 25 -14.51 19.72 23.61
C VAL A 25 -13.49 20.49 22.79
N THR A 26 -13.18 21.70 23.26
CA THR A 26 -12.12 22.52 22.69
C THR A 26 -11.21 22.97 23.82
N LEU A 27 -9.93 22.62 23.71
CA LEU A 27 -8.93 23.10 24.65
C LEU A 27 -8.26 24.34 24.07
N HIS A 28 -8.03 25.33 24.93
CA HIS A 28 -7.39 26.59 24.52
C HIS A 28 -6.03 26.72 25.18
N CYS A 29 -5.06 27.23 24.43
CA CYS A 29 -3.74 27.58 24.95
C CYS A 29 -3.27 28.83 24.22
N THR A 30 -2.83 29.83 24.99
CA THR A 30 -2.39 31.09 24.43
C THR A 30 -1.00 31.41 24.96
N ALA A 31 -0.09 31.80 24.08
CA ALA A 31 1.29 32.06 24.47
C ALA A 31 1.79 33.33 23.79
N THR A 32 2.90 33.85 24.34
CA THR A 32 3.53 35.04 23.79
C THR A 32 5.05 34.90 23.91
N GLY A 33 5.75 35.75 23.19
CA GLY A 33 7.20 35.74 23.19
C GLY A 33 7.75 36.47 21.99
N ILE A 34 9.07 36.56 21.96
CA ILE A 34 9.78 37.19 20.85
C ILE A 34 10.98 36.32 20.50
N PRO A 35 10.94 35.52 19.43
CA PRO A 35 9.84 35.41 18.47
C PRO A 35 8.59 34.76 19.06
N VAL A 36 7.46 34.90 18.37
CA VAL A 36 6.20 34.26 18.73
C VAL A 36 6.47 32.78 18.87
N PRO A 37 6.12 32.18 20.00
CA PRO A 37 6.31 30.74 20.16
C PRO A 37 5.39 29.93 19.26
N THR A 38 5.74 28.66 19.11
CA THR A 38 4.83 27.66 18.58
C THR A 38 4.12 26.96 19.74
N ILE A 39 2.95 26.42 19.47
CA ILE A 39 2.21 25.66 20.47
C ILE A 39 2.03 24.25 19.93
N THR A 40 2.44 23.26 20.72
CA THR A 40 2.35 21.85 20.40
C THR A 40 1.49 21.17 21.45
N TRP A 41 0.60 20.30 21.01
CA TRP A 41 -0.33 19.62 21.91
C TRP A 41 0.12 18.18 22.11
N ILE A 42 0.09 17.73 23.36
CA ILE A 42 0.54 16.39 23.74
C ILE A 42 -0.64 15.69 24.39
N GLU A 43 -0.87 14.44 23.99
CA GLU A 43 -1.95 13.62 24.53
C GLU A 43 -1.32 12.41 25.21
N ASN A 44 -1.37 12.40 26.55
CA ASN A 44 -0.81 11.31 27.35
C ASN A 44 0.66 11.05 26.98
N GLY A 45 1.42 12.12 26.77
CA GLY A 45 2.81 12.00 26.42
C GLY A 45 3.10 11.73 24.96
N ASN A 46 2.08 11.57 24.12
CA ASN A 46 2.27 11.35 22.70
C ASN A 46 1.47 12.37 21.91
N ALA A 47 1.60 12.31 20.58
CA ALA A 47 0.85 13.20 19.73
C ALA A 47 -0.64 12.91 19.85
N VAL A 48 -1.45 13.95 19.70
CA VAL A 48 -2.90 13.77 19.69
C VAL A 48 -3.25 12.75 18.62
N SER A 49 -4.00 11.71 19.01
CA SER A 49 -4.37 10.68 18.05
C SER A 49 -5.37 11.21 17.03
N SER A 50 -6.42 11.87 17.50
CA SER A 50 -7.44 12.42 16.62
C SER A 50 -7.82 13.80 17.12
N GLY A 51 -7.81 14.79 16.23
CA GLY A 51 -8.22 16.12 16.60
C GLY A 51 -8.03 17.09 15.46
N SER A 52 -8.33 18.35 15.75
CA SER A 52 -8.13 19.44 14.80
C SER A 52 -7.60 20.65 15.53
N ILE A 53 -6.55 21.25 14.99
CA ILE A 53 -5.89 22.40 15.58
C ILE A 53 -6.15 23.62 14.71
N GLN A 54 -6.72 24.66 15.32
CA GLN A 54 -6.85 25.97 14.69
C GLN A 54 -5.94 26.94 15.43
N GLU A 55 -5.12 27.68 14.68
CA GLU A 55 -4.13 28.59 15.27
C GLU A 55 -4.27 29.99 14.69
N SER A 56 -3.87 30.98 15.48
CA SER A 56 -3.95 32.37 15.06
C SER A 56 -2.88 33.16 15.80
N VAL A 57 -2.16 34.00 15.07
CA VAL A 57 -1.10 34.84 15.63
C VAL A 57 -1.42 36.29 15.33
N LYS A 58 -1.29 37.15 16.35
CA LYS A 58 -1.46 38.58 16.17
C LYS A 58 -0.71 39.29 17.29
N ASP A 59 0.24 40.14 16.94
CA ASP A 59 0.99 40.96 17.90
C ASP A 59 1.65 40.11 18.97
N ARG A 60 2.57 39.25 18.53
CA ARG A 60 3.38 38.38 19.38
C ARG A 60 2.54 37.46 20.28
N VAL A 61 1.28 37.21 19.95
CA VAL A 61 0.46 36.29 20.70
C VAL A 61 -0.09 35.22 19.76
N ILE A 62 0.13 33.95 20.12
CA ILE A 62 -0.40 32.82 19.36
C ILE A 62 -1.53 32.20 20.15
N ASP A 63 -2.69 32.07 19.50
CA ASP A 63 -3.86 31.44 20.09
C ASP A 63 -4.08 30.12 19.37
N SER A 64 -4.00 29.01 20.12
CA SER A 64 -4.18 27.68 19.58
C SER A 64 -5.37 27.00 20.25
N ARG A 65 -6.25 26.42 19.44
CA ARG A 65 -7.41 25.69 19.93
C ARG A 65 -7.35 24.26 19.38
N LEU A 66 -7.44 23.28 20.29
CA LEU A 66 -7.45 21.86 19.93
C LEU A 66 -8.85 21.31 20.12
N GLN A 67 -9.48 20.89 19.03
CA GLN A 67 -10.79 20.26 19.08
C GLN A 67 -10.63 18.75 19.21
N LEU A 68 -11.37 18.16 20.13
CA LEU A 68 -11.28 16.73 20.40
C LEU A 68 -12.67 16.12 20.51
N PHE A 69 -12.72 14.81 20.28
CA PHE A 69 -13.92 14.01 20.50
C PHE A 69 -13.58 13.08 21.66
N ILE A 70 -14.06 13.41 22.84
CA ILE A 70 -13.62 12.76 24.07
C ILE A 70 -14.40 11.46 24.27
N THR A 71 -13.67 10.36 24.39
CA THR A 71 -14.24 9.06 24.74
C THR A 71 -13.49 8.35 25.86
N LYS A 72 -12.26 8.75 26.16
CA LYS A 72 -11.47 8.26 27.29
C LYS A 72 -10.91 9.46 28.03
N PRO A 73 -10.64 9.32 29.33
CA PRO A 73 -9.92 10.39 30.03
C PRO A 73 -8.51 10.53 29.47
N GLY A 74 -7.91 11.69 29.71
CA GLY A 74 -6.58 11.93 29.20
C GLY A 74 -5.95 13.16 29.83
N LEU A 75 -4.62 13.17 29.82
CA LEU A 75 -3.85 14.33 30.26
C LEU A 75 -3.34 15.04 29.02
N TYR A 76 -3.80 16.26 28.80
CA TYR A 76 -3.41 17.07 27.66
C TYR A 76 -2.52 18.22 28.13
N THR A 77 -1.43 18.44 27.40
CA THR A 77 -0.47 19.48 27.74
C THR A 77 -0.18 20.30 26.50
N CYS A 78 -0.14 21.62 26.65
CA CYS A 78 0.35 22.47 25.57
C CYS A 78 1.77 22.92 25.87
N ILE A 79 2.61 22.90 24.85
CA ILE A 79 4.03 23.23 24.94
C ILE A 79 4.25 24.46 24.09
N ALA A 80 4.59 25.58 24.74
CA ALA A 80 4.91 26.82 24.04
C ALA A 80 6.43 26.97 23.99
N THR A 81 6.97 27.08 22.78
CA THR A 81 8.42 27.08 22.58
C THR A 81 8.82 28.11 21.55
N ASN A 82 9.76 28.97 21.90
CA ASN A 82 10.45 29.83 20.94
C ASN A 82 11.96 29.60 21.06
N LYS A 83 12.71 30.16 20.11
CA LYS A 83 14.12 29.86 19.97
C LYS A 83 14.91 31.17 19.89
N HIS A 84 15.97 31.27 20.69
CA HIS A 84 16.88 32.41 20.69
C HIS A 84 18.28 31.89 20.46
N GLY A 85 18.84 32.18 19.30
CA GLY A 85 20.08 31.52 18.90
C GLY A 85 19.80 30.04 18.67
N GLU A 86 20.62 29.19 19.29
CA GLU A 86 20.42 27.75 19.21
C GLU A 86 19.74 27.18 20.45
N LYS A 87 19.58 27.97 21.50
CA LYS A 87 18.93 27.54 22.73
C LYS A 87 17.42 27.72 22.64
N PHE A 88 16.67 26.71 23.07
CA PHE A 88 15.23 26.77 23.10
C PHE A 88 14.76 27.32 24.45
N SER A 89 13.58 27.93 24.44
CA SER A 89 12.88 28.35 25.66
C SER A 89 11.46 27.81 25.60
N THR A 90 11.03 27.17 26.70
CA THR A 90 9.79 26.41 26.68
C THR A 90 9.00 26.67 27.96
N ALA A 91 7.67 26.74 27.81
CA ALA A 91 6.74 26.77 28.93
C ALA A 91 5.63 25.77 28.68
N LYS A 92 5.23 25.05 29.73
CA LYS A 92 4.25 23.98 29.63
C LYS A 92 3.05 24.28 30.49
N ALA A 93 1.88 23.78 30.08
CA ALA A 93 0.67 23.84 30.89
C ALA A 93 -0.22 22.66 30.54
N ALA A 94 -0.73 21.99 31.58
CA ALA A 94 -1.44 20.72 31.41
C ALA A 94 -2.87 20.84 31.93
N ALA A 95 -3.76 20.05 31.32
CA ALA A 95 -5.15 19.97 31.72
C ALA A 95 -5.60 18.52 31.67
N THR A 96 -6.50 18.15 32.59
CA THR A 96 -6.98 16.78 32.70
C THR A 96 -8.44 16.72 32.26
N ILE A 97 -8.71 15.92 31.24
CA ILE A 97 -10.06 15.68 30.77
C ILE A 97 -10.55 14.38 31.43
N SER A 98 -11.67 14.47 32.13
CA SER A 98 -12.24 13.34 32.84
C SER A 98 -13.59 12.97 32.25
N ILE A 99 -13.98 11.71 32.40
CA ILE A 99 -15.27 11.22 31.95
C ILE A 99 -16.21 11.18 33.14
N ALA A 100 -17.48 11.50 32.91
CA ALA A 100 -18.51 11.52 33.93
C ALA A 100 -19.62 10.55 33.59
N GLU A 101 -20.37 10.14 34.62
CA GLU A 101 -21.49 9.21 34.50
C GLU A 101 -21.06 7.88 33.86
N ASN A 109 -34.45 3.75 26.66
CA ASN A 109 -33.82 4.53 25.61
C ASN A 109 -32.44 3.99 25.25
N LYS A 110 -32.25 3.66 23.96
CA LYS A 110 -30.94 3.37 23.41
C LYS A 110 -30.51 4.36 22.34
N GLY A 111 -31.44 5.05 21.70
CA GLY A 111 -31.11 6.08 20.74
C GLY A 111 -32.37 6.75 20.23
N TYR A 112 -32.24 7.47 19.12
CA TYR A 112 -33.40 8.09 18.49
C TYR A 112 -33.24 8.05 16.97
N CYS A 113 -34.34 8.38 16.28
CA CYS A 113 -34.41 8.36 14.82
C CYS A 113 -34.59 9.78 14.29
N ALA A 114 -33.88 10.09 13.22
CA ALA A 114 -34.00 11.39 12.58
C ALA A 114 -33.46 11.31 11.16
N GLN A 115 -33.67 12.39 10.42
CA GLN A 115 -33.13 12.52 9.07
C GLN A 115 -31.64 12.87 9.12
N TYR A 116 -30.89 12.33 8.17
CA TYR A 116 -29.48 12.67 8.07
C TYR A 116 -29.32 14.12 7.64
N ARG A 117 -28.56 14.90 8.41
CA ARG A 117 -28.31 16.31 8.10
C ARG A 117 -26.82 16.60 8.05
N GLY A 118 -26.01 15.64 7.60
CA GLY A 118 -24.60 15.83 7.44
C GLY A 118 -24.19 15.96 5.99
N GLU A 119 -22.87 15.90 5.78
CA GLU A 119 -22.29 15.98 4.44
C GLU A 119 -21.55 14.73 4.02
N VAL A 120 -20.88 14.05 4.95
CA VAL A 120 -20.01 12.93 4.57
C VAL A 120 -20.81 11.80 3.94
N CYS A 121 -22.09 11.69 4.29
CA CYS A 121 -22.94 10.59 3.81
C CYS A 121 -24.10 11.10 2.98
N ASN A 122 -24.00 12.33 2.44
CA ASN A 122 -25.14 12.93 1.77
C ASN A 122 -25.45 12.26 0.43
N ALA A 123 -24.44 11.67 -0.21
CA ALA A 123 -24.62 11.04 -1.52
C ALA A 123 -25.05 9.59 -1.43
N VAL A 124 -25.15 9.03 -0.22
CA VAL A 124 -25.49 7.63 -0.03
C VAL A 124 -26.83 7.47 0.69
N LEU A 125 -27.08 8.25 1.73
CA LEU A 125 -28.30 8.11 2.52
C LEU A 125 -29.48 8.80 1.86
N ALA A 126 -30.61 8.12 1.84
CA ALA A 126 -31.84 8.70 1.30
C ALA A 126 -32.22 9.96 2.06
N LYS A 127 -32.71 10.96 1.33
CA LYS A 127 -33.08 12.25 1.92
C LYS A 127 -34.41 12.21 2.64
N ASP A 128 -34.92 11.02 2.94
CA ASP A 128 -36.17 10.87 3.68
C ASP A 128 -36.13 9.78 4.73
N ALA A 129 -35.15 8.88 4.70
CA ALA A 129 -35.09 7.79 5.67
C ALA A 129 -34.69 8.32 7.04
N LEU A 130 -35.10 7.59 8.07
CA LEU A 130 -34.75 7.91 9.45
C LEU A 130 -33.61 7.00 9.89
N VAL A 131 -32.49 7.59 10.26
CA VAL A 131 -31.33 6.84 10.69
C VAL A 131 -31.29 6.82 12.21
N PHE A 132 -30.55 5.86 12.76
CA PHE A 132 -30.44 5.68 14.20
C PHE A 132 -29.30 6.51 14.76
N LEU A 133 -29.58 7.27 15.82
CA LEU A 133 -28.59 8.10 16.49
C LEU A 133 -28.35 7.56 17.90
N ASN A 134 -27.13 7.10 18.16
CA ASN A 134 -26.78 6.41 19.39
C ASN A 134 -26.60 7.45 20.51
N THR A 135 -27.54 7.47 21.45
CA THR A 135 -27.51 8.46 22.53
C THR A 135 -26.56 8.07 23.66
N SER A 136 -25.80 6.99 23.51
CA SER A 136 -24.65 6.80 24.39
C SER A 136 -23.63 7.91 24.19
N TYR A 137 -23.63 8.53 23.01
CA TYR A 137 -22.81 9.71 22.74
C TYR A 137 -23.57 10.96 23.17
N ALA A 138 -22.88 11.86 23.86
CA ALA A 138 -23.47 13.15 24.18
C ALA A 138 -23.81 13.93 22.91
N ASP A 139 -23.03 13.74 21.84
CA ASP A 139 -23.22 14.45 20.58
C ASP A 139 -23.41 13.40 19.48
N PRO A 140 -24.58 12.78 19.41
CA PRO A 140 -24.74 11.63 18.49
C PRO A 140 -24.51 11.97 17.03
N GLU A 141 -25.13 13.05 16.54
CA GLU A 141 -25.04 13.35 15.11
C GLU A 141 -23.61 13.69 14.72
N GLU A 142 -22.90 14.45 15.55
CA GLU A 142 -21.52 14.80 15.26
C GLU A 142 -20.59 13.61 15.48
N ALA A 143 -20.85 12.81 16.53
CA ALA A 143 -20.04 11.63 16.77
C ALA A 143 -20.05 10.71 15.56
N GLN A 144 -21.24 10.36 15.08
CA GLN A 144 -21.34 9.40 13.98
C GLN A 144 -20.83 9.99 12.68
N GLU A 145 -20.91 11.32 12.51
CA GLU A 145 -20.26 11.95 11.37
C GLU A 145 -18.75 11.75 11.41
N LEU A 146 -18.14 11.96 12.59
CA LEU A 146 -16.71 11.78 12.73
C LEU A 146 -16.32 10.32 12.53
N LEU A 147 -17.22 9.38 12.85
CA LEU A 147 -16.90 7.98 12.72
C LEU A 147 -16.68 7.59 11.26
N VAL A 148 -17.49 8.15 10.36
CA VAL A 148 -17.29 7.88 8.93
C VAL A 148 -15.93 8.41 8.48
N HIS A 149 -15.60 9.64 8.89
CA HIS A 149 -14.28 10.18 8.60
C HIS A 149 -13.18 9.30 9.19
N THR A 150 -13.36 8.85 10.44
CA THR A 150 -12.39 7.97 11.06
C THR A 150 -12.17 6.72 10.23
N ALA A 151 -13.25 6.09 9.78
CA ALA A 151 -13.13 4.88 8.97
C ALA A 151 -12.39 5.15 7.67
N TRP A 152 -12.78 6.23 6.95
CA TRP A 152 -12.11 6.59 5.71
C TRP A 152 -10.62 6.77 5.93
N ASN A 153 -10.22 7.28 7.10
CA ASN A 153 -8.81 7.51 7.37
C ASN A 153 -8.05 6.21 7.62
N GLU A 154 -8.75 5.18 8.11
CA GLU A 154 -8.10 3.88 8.28
C GLU A 154 -7.89 3.19 6.93
N LEU A 155 -8.88 3.31 6.03
CA LEU A 155 -8.77 2.69 4.70
C LEU A 155 -7.69 3.34 3.85
N LYS A 156 -7.46 4.64 4.04
CA LYS A 156 -6.37 5.40 3.39
C LYS A 156 -6.60 5.40 1.88
N VAL A 157 -5.60 5.09 1.06
CA VAL A 157 -5.77 5.13 -0.39
C VAL A 157 -6.79 4.08 -0.82
N VAL A 158 -7.71 4.46 -1.71
CA VAL A 158 -8.76 3.58 -2.16
C VAL A 158 -8.76 3.51 -3.68
N SER A 159 -9.03 2.31 -4.21
CA SER A 159 -9.15 2.12 -5.64
C SER A 159 -10.48 2.72 -6.13
N PRO A 160 -10.54 3.12 -7.40
CA PRO A 160 -11.82 3.61 -7.95
C PRO A 160 -12.95 2.60 -7.86
N VAL A 161 -12.64 1.30 -7.78
CA VAL A 161 -13.67 0.29 -7.57
C VAL A 161 -14.11 0.25 -6.11
N CYS A 162 -13.21 0.61 -5.19
CA CYS A 162 -13.49 0.46 -3.78
C CYS A 162 -14.27 1.64 -3.23
N ARG A 163 -13.98 2.86 -3.69
CA ARG A 163 -14.58 4.06 -3.11
C ARG A 163 -16.10 4.04 -3.06
N PRO A 164 -16.84 3.62 -4.11
CA PRO A 164 -18.30 3.55 -3.96
C PRO A 164 -18.75 2.55 -2.92
N ALA A 165 -18.19 1.34 -2.93
CA ALA A 165 -18.59 0.32 -1.97
C ALA A 165 -18.27 0.74 -0.55
N ALA A 166 -17.08 1.32 -0.33
CA ALA A 166 -16.70 1.76 1.00
C ALA A 166 -17.60 2.90 1.47
N GLU A 167 -17.84 3.89 0.60
CA GLU A 167 -18.74 4.98 0.96
C GLU A 167 -20.11 4.45 1.39
N ALA A 168 -20.64 3.50 0.62
CA ALA A 168 -21.93 2.91 0.97
C ALA A 168 -21.84 2.12 2.27
N LEU A 169 -20.85 1.23 2.38
CA LEU A 169 -20.77 0.36 3.55
C LEU A 169 -20.64 1.16 4.84
N LEU A 170 -19.74 2.15 4.84
CA LEU A 170 -19.50 2.92 6.05
C LEU A 170 -20.72 3.76 6.43
N CYS A 171 -21.30 4.45 5.44
CA CYS A 171 -22.45 5.30 5.72
C CYS A 171 -23.63 4.50 6.24
N ASN A 172 -23.94 3.36 5.60
CA ASN A 172 -25.02 2.52 6.08
C ASN A 172 -24.69 1.87 7.42
N HIS A 173 -23.41 1.63 7.70
CA HIS A 173 -23.05 1.02 8.97
C HIS A 173 -23.04 2.02 10.11
N ILE A 174 -22.67 3.27 9.84
CA ILE A 174 -22.59 4.28 10.88
C ILE A 174 -23.94 4.98 11.08
N PHE A 175 -24.66 5.24 9.98
CA PHE A 175 -26.00 5.84 10.04
C PHE A 175 -26.99 4.77 9.59
N GLN A 176 -27.28 3.84 10.50
CA GLN A 176 -28.15 2.72 10.19
C GLN A 176 -29.61 3.18 10.16
N GLU A 177 -30.38 2.61 9.23
CA GLU A 177 -31.79 2.96 9.11
C GLU A 177 -32.57 2.43 10.32
N CYS A 178 -33.56 3.19 10.74
CA CYS A 178 -34.37 2.82 11.89
C CYS A 178 -35.38 1.76 11.48
N SER A 179 -35.51 0.71 12.31
CA SER A 179 -36.52 -0.30 12.05
C SER A 179 -37.92 0.29 12.21
N PRO A 180 -38.89 -0.18 11.42
CA PRO A 180 -40.25 0.36 11.52
C PRO A 180 -40.92 0.09 12.85
N GLY A 181 -40.34 -0.73 13.72
CA GLY A 181 -40.88 -0.89 15.07
C GLY A 181 -40.85 0.42 15.84
N VAL A 182 -41.80 0.55 16.77
CA VAL A 182 -41.99 1.82 17.48
C VAL A 182 -40.75 2.20 18.27
N VAL A 183 -40.00 1.22 18.75
CA VAL A 183 -38.79 1.48 19.56
C VAL A 183 -37.61 1.75 18.61
N PRO A 184 -36.94 2.89 18.75
CA PRO A 184 -35.70 3.12 17.97
C PRO A 184 -34.68 2.01 18.12
N THR A 185 -34.46 1.26 17.04
CA THR A 185 -33.48 0.19 16.95
C THR A 185 -32.93 0.21 15.54
N PRO A 186 -31.62 0.14 15.36
CA PRO A 186 -31.05 0.24 14.01
C PRO A 186 -31.14 -1.07 13.23
N ILE A 187 -31.21 -0.93 11.92
CA ILE A 187 -31.15 -2.06 11.01
C ILE A 187 -29.68 -2.28 10.64
N PRO A 188 -29.10 -3.43 10.98
CA PRO A 188 -27.66 -3.64 10.75
C PRO A 188 -27.33 -3.89 9.28
N ILE A 189 -26.05 -4.00 9.01
CA ILE A 189 -25.50 -4.33 7.70
C ILE A 189 -25.46 -5.84 7.57
N CYS A 190 -25.82 -6.36 6.40
CA CYS A 190 -25.76 -7.80 6.19
C CYS A 190 -24.32 -8.27 6.09
N ARG A 191 -24.09 -9.53 6.49
CA ARG A 191 -22.78 -10.12 6.38
C ARG A 191 -22.32 -10.19 4.93
N GLU A 192 -23.25 -10.45 4.01
CA GLU A 192 -22.90 -10.55 2.59
C GLU A 192 -22.48 -9.20 2.01
N TYR A 193 -23.09 -8.13 2.52
CA TYR A 193 -22.70 -6.77 2.13
C TYR A 193 -21.27 -6.48 2.57
N CYS A 194 -20.97 -6.75 3.84
CA CYS A 194 -19.65 -6.48 4.39
C CYS A 194 -18.57 -7.34 3.73
N LEU A 195 -18.84 -8.64 3.56
CA LEU A 195 -17.87 -9.52 2.93
C LEU A 195 -17.63 -9.17 1.48
N ALA A 196 -18.63 -8.62 0.79
CA ALA A 196 -18.45 -8.21 -0.59
C ALA A 196 -17.45 -7.06 -0.68
N VAL A 197 -17.59 -6.05 0.19
CA VAL A 197 -16.67 -4.93 0.17
C VAL A 197 -15.28 -5.35 0.63
N LYS A 198 -15.21 -6.09 1.73
CA LYS A 198 -13.91 -6.42 2.31
C LYS A 198 -13.14 -7.40 1.44
N GLU A 199 -13.83 -8.35 0.80
CA GLU A 199 -13.17 -9.41 0.06
C GLU A 199 -13.18 -9.22 -1.45
N LEU A 200 -13.99 -8.31 -1.99
CA LEU A 200 -14.00 -8.11 -3.44
C LEU A 200 -13.62 -6.70 -3.83
N PHE A 201 -14.54 -5.74 -3.66
CA PHE A 201 -14.30 -4.37 -4.13
C PHE A 201 -13.06 -3.76 -3.46
N CYS A 202 -12.94 -3.92 -2.15
CA CYS A 202 -11.87 -3.30 -1.37
C CYS A 202 -10.91 -4.34 -0.80
N ALA A 203 -10.59 -5.37 -1.59
CA ALA A 203 -9.75 -6.45 -1.10
C ALA A 203 -8.38 -5.94 -0.68
N LYS A 204 -7.68 -5.26 -1.60
CA LYS A 204 -6.34 -4.78 -1.29
C LYS A 204 -6.35 -3.76 -0.16
N GLU A 205 -7.31 -2.83 -0.18
CA GLU A 205 -7.37 -1.79 0.85
C GLU A 205 -7.59 -2.41 2.23
N TRP A 206 -8.47 -3.41 2.32
CA TRP A 206 -8.73 -4.03 3.62
C TRP A 206 -7.52 -4.77 4.14
N LEU A 207 -6.74 -5.38 3.24
CA LEU A 207 -5.54 -6.10 3.66
C LEU A 207 -4.52 -5.15 4.27
N VAL A 208 -4.27 -4.02 3.60
CA VAL A 208 -3.28 -3.06 4.09
C VAL A 208 -3.71 -2.52 5.45
N MET A 209 -5.01 -2.31 5.64
CA MET A 209 -5.49 -1.81 6.93
C MET A 209 -5.32 -2.85 8.03
N GLU A 210 -5.65 -4.12 7.73
CA GLU A 210 -5.55 -5.17 8.74
C GLU A 210 -4.10 -5.45 9.12
N GLU A 211 -3.17 -5.23 8.19
CA GLU A 211 -1.75 -5.37 8.51
C GLU A 211 -1.37 -4.50 9.71
N LYS A 212 -1.79 -3.24 9.69
CA LYS A 212 -1.53 -2.33 10.79
C LYS A 212 -2.33 -2.72 12.04
N SER A 220 -7.84 -0.27 18.37
CA SER A 220 -8.27 1.12 18.58
C SER A 220 -9.79 1.19 18.70
N GLU A 221 -10.27 1.87 19.75
CA GLU A 221 -11.72 1.95 19.98
C GLU A 221 -12.42 2.65 18.82
N MET A 222 -11.82 3.71 18.28
CA MET A 222 -12.38 4.39 17.12
C MET A 222 -12.44 3.47 15.92
N HIS A 223 -11.42 2.63 15.75
CA HIS A 223 -11.43 1.66 14.65
C HIS A 223 -12.55 0.63 14.83
N LEU A 224 -12.77 0.19 16.08
CA LEU A 224 -13.79 -0.83 16.32
C LEU A 224 -15.20 -0.28 16.11
N LEU A 225 -15.41 1.01 16.33
CA LEU A 225 -16.72 1.62 16.18
C LEU A 225 -16.99 2.08 14.75
N SER A 226 -15.97 2.22 13.91
CA SER A 226 -16.12 2.81 12.59
C SER A 226 -16.00 1.81 11.44
N VAL A 227 -15.12 0.82 11.55
CA VAL A 227 -14.91 -0.16 10.49
C VAL A 227 -15.73 -1.40 10.82
N PRO A 228 -16.63 -1.83 9.94
CA PRO A 228 -17.48 -2.99 10.26
C PRO A 228 -16.66 -4.28 10.32
N GLU A 229 -17.02 -5.13 11.26
CA GLU A 229 -16.55 -6.51 11.30
C GLU A 229 -17.67 -7.42 10.80
N CYS A 230 -17.42 -8.13 9.70
CA CYS A 230 -18.49 -8.86 9.04
C CYS A 230 -18.97 -10.06 9.86
N SER A 231 -18.09 -10.65 10.68
CA SER A 231 -18.46 -11.85 11.42
C SER A 231 -19.61 -11.59 12.39
N LYS A 232 -19.73 -10.37 12.91
CA LYS A 232 -20.77 -10.02 13.86
C LYS A 232 -22.07 -9.58 13.21
N LEU A 233 -22.13 -9.59 11.87
CA LEU A 233 -23.31 -9.12 11.15
C LEU A 233 -24.27 -10.28 10.85
N PRO A 234 -25.56 -10.00 10.75
CA PRO A 234 -26.52 -11.04 10.38
C PRO A 234 -26.46 -11.34 8.89
N SER A 235 -27.15 -12.40 8.51
CA SER A 235 -27.18 -12.84 7.11
C SER A 235 -28.43 -12.35 6.42
N MET A 236 -28.27 -11.92 5.17
CA MET A 236 -29.40 -11.44 4.37
C MET A 236 -30.45 -12.54 4.21
N HIS A 237 -30.04 -13.80 4.26
CA HIS A 237 -30.95 -14.91 4.00
C HIS A 237 -31.75 -15.34 5.23
N TRP A 238 -31.30 -14.98 6.43
CA TRP A 238 -32.07 -15.31 7.63
C TRP A 238 -33.39 -14.55 7.68
N ASP A 239 -33.39 -13.32 7.17
CA ASP A 239 -34.55 -12.44 7.07
C ASP A 239 -34.15 -11.25 6.22
N PRO A 240 -34.47 -11.26 4.92
CA PRO A 240 -34.01 -10.17 4.04
C PRO A 240 -34.49 -8.79 4.45
N THR A 241 -35.46 -8.70 5.35
CA THR A 241 -36.01 -7.42 5.78
C THR A 241 -35.26 -6.81 6.96
N ALA A 242 -34.36 -7.56 7.60
CA ALA A 242 -33.74 -7.15 8.86
C ALA A 242 -32.28 -6.74 8.69
N CYS A 243 -31.85 -6.49 7.47
CA CYS A 243 -30.46 -6.10 7.23
C CYS A 243 -30.39 -5.37 5.90
N ALA A 244 -29.47 -4.41 5.82
CA ALA A 244 -29.32 -3.55 4.65
C ALA A 244 -28.29 -4.15 3.70
N ARG A 245 -28.69 -4.34 2.45
CA ARG A 245 -27.89 -5.07 1.48
C ARG A 245 -27.12 -4.12 0.56
N LEU A 246 -26.19 -4.71 -0.19
CA LEU A 246 -25.33 -3.98 -1.12
C LEU A 246 -26.18 -3.13 -2.07
N PRO A 247 -26.13 -1.81 -1.96
CA PRO A 247 -26.86 -0.96 -2.92
C PRO A 247 -26.18 -0.98 -4.27
N HIS A 248 -26.94 -0.62 -5.30
CA HIS A 248 -26.36 -0.55 -6.63
C HIS A 248 -25.42 0.63 -6.73
N LEU A 249 -24.23 0.38 -7.26
CA LEU A 249 -23.21 1.41 -7.43
C LEU A 249 -23.02 1.68 -8.92
N GLU A 250 -22.94 2.95 -9.28
CA GLU A 250 -22.85 3.37 -10.67
C GLU A 250 -21.41 3.70 -11.03
N SER A 251 -20.88 3.01 -12.04
CA SER A 251 -19.57 3.37 -12.58
C SER A 251 -19.68 4.71 -13.29
N ARG A 252 -18.64 5.54 -13.13
CA ARG A 252 -18.72 6.92 -13.57
C ARG A 252 -17.72 7.30 -14.65
N TYR A 253 -16.72 6.46 -14.92
CA TYR A 253 -15.74 6.70 -15.98
C TYR A 253 -15.13 8.10 -15.88
N LEU A 254 -14.72 8.45 -14.67
CA LEU A 254 -14.00 9.69 -14.43
C LEU A 254 -12.57 9.57 -14.94
N PRO A 255 -11.86 10.68 -15.05
CA PRO A 255 -10.45 10.59 -15.48
C PRO A 255 -9.61 9.76 -14.52
N GLU A 256 -8.62 9.06 -15.09
CA GLU A 256 -7.75 8.21 -14.27
C GLU A 256 -7.02 9.02 -13.20
N PHE A 257 -6.62 10.24 -13.54
CA PHE A 257 -6.12 11.21 -12.56
C PHE A 257 -7.03 12.43 -12.64
N SER A 258 -7.88 12.60 -11.63
CA SER A 258 -8.74 13.76 -11.53
C SER A 258 -8.01 14.85 -10.75
N TRP A 259 -7.83 16.01 -11.37
CA TRP A 259 -7.05 17.07 -10.76
C TRP A 259 -7.66 17.44 -9.42
N PRO A 260 -6.86 17.51 -8.36
CA PRO A 260 -7.40 17.80 -7.03
C PRO A 260 -8.02 19.18 -6.97
N GLU A 261 -8.85 19.38 -5.94
CA GLU A 261 -9.61 20.62 -5.83
C GLU A 261 -8.70 21.84 -5.75
N SER A 262 -7.63 21.74 -4.97
CA SER A 262 -6.68 22.84 -4.84
C SER A 262 -6.25 23.37 -6.21
N PHE A 263 -5.91 22.46 -7.13
CA PHE A 263 -5.46 22.88 -8.45
C PHE A 263 -6.59 23.47 -9.27
N VAL A 264 -7.79 22.88 -9.17
CA VAL A 264 -8.89 23.34 -10.01
C VAL A 264 -9.26 24.78 -9.66
N LEU A 265 -9.22 25.12 -8.38
CA LEU A 265 -9.41 26.52 -7.97
C LEU A 265 -8.31 27.40 -8.52
N PHE A 266 -7.05 27.01 -8.28
CA PHE A 266 -5.91 27.77 -8.76
C PHE A 266 -6.03 28.09 -10.24
N LEU A 267 -6.35 27.07 -11.05
CA LEU A 267 -6.45 27.27 -12.49
C LEU A 267 -7.65 28.14 -12.85
N ARG A 268 -8.77 27.95 -12.15
CA ARG A 268 -9.94 28.79 -12.37
C ARG A 268 -9.63 30.26 -12.08
N GLN A 269 -8.99 30.52 -10.93
CA GLN A 269 -8.66 31.90 -10.55
C GLN A 269 -7.70 32.53 -11.55
N ARG A 270 -6.65 31.80 -11.95
CA ARG A 270 -5.67 32.37 -12.85
C ARG A 270 -6.24 32.61 -14.24
N GLN A 271 -7.12 31.74 -14.71
CA GLN A 271 -7.80 31.98 -15.98
C GLN A 271 -8.78 33.14 -15.88
N ARG A 272 -9.29 33.43 -14.67
CA ARG A 272 -10.14 34.59 -14.46
C ARG A 272 -9.35 35.88 -14.37
N GLN A 273 -8.13 35.83 -13.81
CA GLN A 273 -7.25 36.99 -13.84
C GLN A 273 -7.10 37.51 -15.26
N LEU A 274 -7.27 36.64 -16.25
CA LEU A 274 -7.20 36.99 -17.66
C LEU A 274 -8.54 36.71 -18.33
N VAL B 6 -37.56 13.97 -24.70
CA VAL B 6 -37.46 12.95 -23.65
C VAL B 6 -36.16 12.16 -23.80
N PHE B 7 -35.86 11.73 -25.02
CA PHE B 7 -34.61 11.03 -25.29
C PHE B 7 -33.42 11.98 -25.15
N ALA B 8 -32.24 11.40 -24.99
CA ALA B 8 -31.03 12.19 -24.83
C ALA B 8 -30.64 12.87 -26.14
N ARG B 9 -30.18 14.12 -26.02
CA ARG B 9 -29.83 14.92 -27.19
C ARG B 9 -28.77 15.94 -26.80
N ILE B 10 -27.74 16.08 -27.61
CA ILE B 10 -26.64 16.99 -27.33
C ILE B 10 -26.93 18.33 -28.00
N LEU B 11 -26.99 19.40 -27.18
CA LEU B 11 -27.24 20.75 -27.68
C LEU B 11 -25.93 21.41 -28.10
N ARG B 12 -25.12 21.83 -27.13
CA ARG B 12 -23.77 22.31 -27.40
C ARG B 12 -22.83 21.11 -27.45
N ALA B 13 -22.03 21.04 -28.50
CA ALA B 13 -21.13 19.92 -28.74
C ALA B 13 -19.68 20.34 -28.57
N PRO B 14 -18.78 19.39 -28.34
CA PRO B 14 -17.36 19.74 -28.26
C PRO B 14 -16.86 20.36 -29.56
N GLU B 15 -16.11 21.46 -29.43
CA GLU B 15 -15.52 22.15 -30.56
C GLU B 15 -14.07 21.76 -30.70
N SER B 16 -13.68 21.29 -31.88
CA SER B 16 -12.28 20.96 -32.12
C SER B 16 -11.42 22.21 -32.00
N HIS B 17 -10.22 22.05 -31.44
CA HIS B 17 -9.32 23.16 -31.19
C HIS B 17 -7.92 22.82 -31.64
N ASN B 18 -7.21 23.83 -32.13
CA ASN B 18 -5.78 23.75 -32.43
C ASN B 18 -5.04 24.58 -31.40
N VAL B 19 -4.15 23.94 -30.64
CA VAL B 19 -3.49 24.59 -29.51
C VAL B 19 -1.99 24.30 -29.55
N THR B 20 -1.25 25.07 -28.75
CA THR B 20 0.19 24.92 -28.65
C THR B 20 0.54 23.99 -27.49
N PHE B 21 1.71 23.35 -27.59
CA PHE B 21 2.18 22.45 -26.56
C PHE B 21 2.16 23.12 -25.19
N GLY B 22 1.65 22.41 -24.20
CA GLY B 22 1.58 22.95 -22.85
C GLY B 22 0.47 23.94 -22.61
N SER B 23 -0.64 23.80 -23.33
CA SER B 23 -1.78 24.68 -23.17
C SER B 23 -2.90 23.97 -22.43
N PHE B 24 -3.58 24.70 -21.55
CA PHE B 24 -4.77 24.20 -20.88
C PHE B 24 -5.99 24.56 -21.72
N VAL B 25 -6.79 23.54 -22.07
CA VAL B 25 -7.97 23.73 -22.89
C VAL B 25 -9.19 23.19 -22.14
N THR B 26 -10.34 23.77 -22.43
CA THR B 26 -11.62 23.36 -21.84
C THR B 26 -12.57 22.98 -22.96
N LEU B 27 -13.06 21.75 -22.93
CA LEU B 27 -14.03 21.26 -23.89
C LEU B 27 -15.42 21.31 -23.25
N HIS B 28 -16.42 21.69 -24.04
CA HIS B 28 -17.77 21.85 -23.55
C HIS B 28 -18.71 20.83 -24.20
N CYS B 29 -19.75 20.44 -23.48
CA CYS B 29 -20.77 19.55 -24.01
C CYS B 29 -22.00 19.65 -23.14
N THR B 30 -23.14 20.00 -23.73
CA THR B 30 -24.41 20.11 -23.02
C THR B 30 -25.42 19.17 -23.65
N ALA B 31 -26.30 18.60 -22.82
CA ALA B 31 -27.32 17.68 -23.28
C ALA B 31 -28.59 17.87 -22.47
N THR B 32 -29.71 17.45 -23.06
CA THR B 32 -31.02 17.61 -22.44
C THR B 32 -31.84 16.35 -22.64
N GLY B 33 -32.87 16.19 -21.83
CA GLY B 33 -33.74 15.04 -21.89
C GLY B 33 -34.42 14.79 -20.56
N ILE B 34 -35.43 13.94 -20.61
CA ILE B 34 -36.21 13.57 -19.41
C ILE B 34 -36.22 12.05 -19.27
N PRO B 35 -35.52 11.46 -18.28
CA PRO B 35 -34.75 12.12 -17.23
C PRO B 35 -33.51 12.83 -17.76
N VAL B 36 -32.97 13.72 -16.96
CA VAL B 36 -31.78 14.50 -17.33
C VAL B 36 -30.64 13.53 -17.61
N PRO B 37 -30.06 13.56 -18.82
CA PRO B 37 -29.01 12.60 -19.15
C PRO B 37 -27.76 12.78 -18.32
N THR B 38 -26.79 11.89 -18.52
CA THR B 38 -25.48 11.99 -17.91
C THR B 38 -24.43 12.02 -19.02
N ILE B 39 -23.34 12.74 -18.77
CA ILE B 39 -22.29 12.96 -19.76
C ILE B 39 -21.07 12.13 -19.36
N THR B 40 -20.47 11.47 -20.36
CA THR B 40 -19.21 10.75 -20.19
C THR B 40 -18.22 11.25 -21.22
N TRP B 41 -16.99 11.47 -20.78
CA TRP B 41 -15.92 11.95 -21.66
C TRP B 41 -14.94 10.81 -21.93
N ILE B 42 -14.68 10.56 -23.21
CA ILE B 42 -13.74 9.53 -23.64
C ILE B 42 -12.57 10.20 -24.35
N GLU B 43 -11.38 9.67 -24.13
CA GLU B 43 -10.15 10.20 -24.72
C GLU B 43 -9.46 9.08 -25.47
N ASN B 44 -9.53 9.13 -26.80
CA ASN B 44 -8.89 8.14 -27.66
C ASN B 44 -9.34 6.72 -27.32
N GLY B 45 -10.65 6.56 -27.10
CA GLY B 45 -11.23 5.27 -26.82
C GLY B 45 -11.28 4.89 -25.35
N ASN B 46 -10.35 5.39 -24.54
CA ASN B 46 -10.31 5.09 -23.12
C ASN B 46 -10.73 6.30 -22.31
N ALA B 47 -10.84 6.11 -21.00
CA ALA B 47 -11.14 7.22 -20.11
C ALA B 47 -9.99 8.23 -20.14
N VAL B 48 -10.33 9.49 -19.84
CA VAL B 48 -9.32 10.54 -19.86
C VAL B 48 -8.24 10.23 -18.84
N SER B 49 -6.99 10.36 -19.26
CA SER B 49 -5.89 9.98 -18.37
C SER B 49 -5.64 11.03 -17.30
N SER B 50 -5.74 12.32 -17.65
CA SER B 50 -5.49 13.40 -16.70
C SER B 50 -6.34 14.60 -17.08
N GLY B 51 -7.24 14.98 -16.19
CA GLY B 51 -8.10 16.12 -16.45
C GLY B 51 -9.05 16.36 -15.29
N SER B 52 -10.01 17.25 -15.51
CA SER B 52 -11.03 17.55 -14.50
C SER B 52 -12.36 17.83 -15.17
N ILE B 53 -13.43 17.37 -14.54
CA ILE B 53 -14.78 17.48 -15.09
C ILE B 53 -15.64 18.28 -14.10
N GLN B 54 -16.25 19.36 -14.57
CA GLN B 54 -17.20 20.13 -13.79
C GLN B 54 -18.58 20.01 -14.43
N GLU B 55 -19.58 19.62 -13.65
CA GLU B 55 -20.93 19.39 -14.15
C GLU B 55 -21.94 20.23 -13.40
N SER B 56 -22.95 20.72 -14.12
CA SER B 56 -24.00 21.56 -13.56
C SER B 56 -25.33 21.14 -14.17
N VAL B 57 -26.23 20.61 -13.34
CA VAL B 57 -27.56 20.22 -13.79
C VAL B 57 -28.46 21.46 -13.67
N LYS B 58 -28.75 22.09 -14.80
CA LYS B 58 -29.58 23.29 -14.85
C LYS B 58 -30.98 22.89 -15.31
N ASP B 59 -31.78 22.41 -14.36
CA ASP B 59 -33.14 21.92 -14.58
C ASP B 59 -33.16 20.67 -15.45
N ARG B 60 -33.29 20.83 -16.78
CA ARG B 60 -33.31 19.70 -17.69
C ARG B 60 -32.10 19.64 -18.61
N VAL B 61 -31.18 20.59 -18.51
CA VAL B 61 -29.96 20.61 -19.32
C VAL B 61 -28.78 20.30 -18.40
N ILE B 62 -27.92 19.37 -18.83
CA ILE B 62 -26.69 19.07 -18.12
C ILE B 62 -25.54 19.75 -18.84
N ASP B 63 -24.72 20.48 -18.09
CA ASP B 63 -23.53 21.14 -18.59
C ASP B 63 -22.32 20.38 -18.07
N SER B 64 -21.45 19.95 -18.98
CA SER B 64 -20.24 19.22 -18.61
C SER B 64 -19.04 19.89 -19.24
N ARG B 65 -18.00 20.14 -18.43
CA ARG B 65 -16.79 20.80 -18.89
C ARG B 65 -15.60 19.92 -18.56
N LEU B 66 -14.89 19.46 -19.59
CA LEU B 66 -13.68 18.68 -19.44
C LEU B 66 -12.48 19.61 -19.65
N GLN B 67 -11.65 19.74 -18.62
CA GLN B 67 -10.44 20.54 -18.67
C GLN B 67 -9.23 19.63 -18.84
N LEU B 68 -8.31 20.02 -19.72
CA LEU B 68 -7.18 19.19 -20.08
C LEU B 68 -5.90 20.00 -20.13
N PHE B 69 -4.78 19.32 -19.92
CA PHE B 69 -3.45 19.86 -20.18
C PHE B 69 -2.92 19.14 -21.41
N ILE B 70 -2.80 19.85 -22.53
CA ILE B 70 -2.56 19.22 -23.83
C ILE B 70 -1.06 19.17 -24.09
N THR B 71 -0.52 17.96 -24.14
CA THR B 71 0.84 17.71 -24.58
C THR B 71 0.93 16.84 -25.82
N LYS B 72 -0.11 16.08 -26.14
CA LYS B 72 -0.22 15.23 -27.32
C LYS B 72 -1.58 15.45 -27.95
N PRO B 73 -1.70 15.22 -29.26
CA PRO B 73 -3.01 15.34 -29.89
C PRO B 73 -3.92 14.19 -29.49
N GLY B 74 -5.22 14.44 -29.58
CA GLY B 74 -6.19 13.43 -29.17
C GLY B 74 -7.57 13.74 -29.67
N LEU B 75 -8.42 12.71 -29.68
CA LEU B 75 -9.81 12.80 -30.09
C LEU B 75 -10.68 12.59 -28.84
N TYR B 76 -11.35 13.65 -28.42
CA TYR B 76 -12.18 13.62 -27.21
C TYR B 76 -13.64 13.56 -27.61
N THR B 77 -14.39 12.65 -26.99
CA THR B 77 -15.75 12.34 -27.39
C THR B 77 -16.71 12.51 -26.21
N CYS B 78 -17.86 13.11 -26.49
CA CYS B 78 -18.90 13.35 -25.51
C CYS B 78 -20.03 12.33 -25.70
N ILE B 79 -20.45 11.70 -24.59
CA ILE B 79 -21.49 10.66 -24.62
C ILE B 79 -22.59 11.06 -23.65
N ALA B 80 -23.75 11.42 -24.18
CA ALA B 80 -24.92 11.76 -23.38
C ALA B 80 -25.90 10.60 -23.37
N THR B 81 -26.37 10.21 -22.19
CA THR B 81 -27.20 9.02 -22.07
C THR B 81 -28.22 9.19 -20.95
N ASN B 82 -29.48 8.87 -21.26
CA ASN B 82 -30.53 8.74 -20.26
C ASN B 82 -31.26 7.42 -20.47
N LYS B 83 -31.83 6.88 -19.40
CA LYS B 83 -32.49 5.58 -19.42
C LYS B 83 -34.00 5.75 -19.45
N HIS B 84 -34.66 4.92 -20.26
CA HIS B 84 -36.11 4.91 -20.37
C HIS B 84 -36.61 3.49 -20.15
N GLY B 85 -37.22 3.26 -18.99
CA GLY B 85 -37.56 1.90 -18.60
C GLY B 85 -36.30 1.10 -18.38
N GLU B 86 -35.96 0.24 -19.34
CA GLU B 86 -34.71 -0.51 -19.30
C GLU B 86 -33.90 -0.31 -20.59
N LYS B 87 -34.21 0.73 -21.35
CA LYS B 87 -33.57 0.98 -22.65
C LYS B 87 -32.86 2.33 -22.60
N PHE B 88 -31.54 2.30 -22.74
CA PHE B 88 -30.76 3.52 -22.73
C PHE B 88 -30.89 4.24 -24.07
N SER B 89 -30.74 5.56 -24.03
CA SER B 89 -30.71 6.38 -25.23
C SER B 89 -29.41 7.18 -25.20
N THR B 90 -28.71 7.22 -26.33
CA THR B 90 -27.34 7.75 -26.34
C THR B 90 -27.12 8.66 -27.54
N ALA B 91 -26.53 9.82 -27.30
CA ALA B 91 -26.06 10.73 -28.33
C ALA B 91 -24.57 10.97 -28.16
N LYS B 92 -23.89 11.20 -29.28
CA LYS B 92 -22.44 11.32 -29.29
C LYS B 92 -22.01 12.56 -30.06
N ALA B 93 -20.89 13.14 -29.65
CA ALA B 93 -20.28 14.28 -30.34
C ALA B 93 -18.81 14.30 -29.99
N ALA B 94 -17.95 14.49 -30.99
CA ALA B 94 -16.51 14.38 -30.81
C ALA B 94 -15.80 15.66 -31.23
N ALA B 95 -14.61 15.85 -30.68
CA ALA B 95 -13.72 16.95 -31.05
C ALA B 95 -12.30 16.44 -31.14
N THR B 96 -11.50 17.07 -31.98
CA THR B 96 -10.10 16.72 -32.17
C THR B 96 -9.23 17.86 -31.67
N ILE B 97 -8.44 17.58 -30.63
CA ILE B 97 -7.43 18.51 -30.15
C ILE B 97 -6.12 18.19 -30.86
N SER B 98 -5.55 19.19 -31.53
CA SER B 98 -4.32 19.01 -32.29
C SER B 98 -3.32 20.10 -31.92
N ILE B 99 -2.04 19.80 -32.07
CA ILE B 99 -0.96 20.68 -31.62
C ILE B 99 -0.38 21.43 -32.81
N ALA B 100 -0.13 22.73 -32.62
CA ALA B 100 0.41 23.59 -33.65
C ALA B 100 1.94 23.73 -33.49
N GLU B 101 2.55 24.42 -34.46
CA GLU B 101 4.00 24.63 -34.51
C GLU B 101 4.81 23.38 -34.19
N ASN B 109 14.97 32.30 -25.65
CA ASN B 109 15.60 31.59 -24.54
C ASN B 109 14.79 30.36 -24.14
N LYS B 110 15.19 29.71 -23.05
CA LYS B 110 14.53 28.49 -22.60
C LYS B 110 13.46 28.74 -21.54
N GLY B 111 13.40 29.93 -20.95
CA GLY B 111 12.41 30.21 -19.94
C GLY B 111 12.67 31.55 -19.29
N TYR B 112 11.93 31.81 -18.21
CA TYR B 112 12.04 33.06 -17.48
C TYR B 112 11.99 32.78 -15.98
N CYS B 113 12.45 33.77 -15.22
CA CYS B 113 12.57 33.67 -13.76
C CYS B 113 11.53 34.57 -13.12
N ALA B 114 10.76 34.01 -12.18
CA ALA B 114 9.73 34.77 -11.48
C ALA B 114 9.54 34.20 -10.08
N GLN B 115 8.83 34.95 -9.26
CA GLN B 115 8.45 34.46 -7.94
C GLN B 115 7.33 33.44 -8.08
N TYR B 116 7.37 32.41 -7.24
CA TYR B 116 6.30 31.42 -7.22
C TYR B 116 5.02 32.08 -6.71
N ARG B 117 3.97 32.01 -7.53
CA ARG B 117 2.68 32.59 -7.18
C ARG B 117 1.59 31.53 -7.08
N GLY B 118 1.97 30.26 -6.92
CA GLY B 118 1.02 29.17 -6.84
C GLY B 118 0.65 28.83 -5.41
N GLU B 119 0.04 27.65 -5.26
CA GLU B 119 -0.49 27.21 -3.98
C GLU B 119 0.13 25.92 -3.47
N VAL B 120 0.49 24.98 -4.35
CA VAL B 120 0.89 23.66 -3.90
C VAL B 120 2.27 23.68 -3.25
N CYS B 121 3.11 24.65 -3.59
CA CYS B 121 4.48 24.70 -3.08
C CYS B 121 4.72 25.91 -2.17
N ASN B 122 3.66 26.54 -1.69
CA ASN B 122 3.81 27.79 -0.94
C ASN B 122 4.57 27.58 0.36
N ALA B 123 4.48 26.39 0.95
CA ALA B 123 5.13 26.13 2.23
C ALA B 123 6.57 25.66 2.08
N VAL B 124 7.01 25.36 0.86
CA VAL B 124 8.34 24.84 0.61
C VAL B 124 9.24 25.87 -0.07
N LEU B 125 8.70 26.63 -1.02
CA LEU B 125 9.50 27.59 -1.78
C LEU B 125 9.59 28.91 -1.04
N ALA B 126 10.81 29.44 -0.94
CA ALA B 126 11.01 30.74 -0.32
C ALA B 126 10.38 31.84 -1.17
N LYS B 127 9.81 32.85 -0.49
CA LYS B 127 9.10 33.91 -1.20
C LYS B 127 10.05 34.96 -1.77
N ASP B 128 11.30 34.99 -1.31
CA ASP B 128 12.30 35.92 -1.83
C ASP B 128 13.11 35.32 -2.97
N ALA B 129 12.87 34.06 -3.32
CA ALA B 129 13.63 33.37 -4.36
C ALA B 129 12.90 33.43 -5.69
N LEU B 130 13.67 33.29 -6.77
CA LEU B 130 13.15 33.29 -8.12
C LEU B 130 13.31 31.90 -8.72
N VAL B 131 12.20 31.33 -9.20
CA VAL B 131 12.20 29.99 -9.75
C VAL B 131 12.19 30.05 -11.27
N PHE B 132 12.47 28.92 -11.91
CA PHE B 132 12.57 28.83 -13.36
C PHE B 132 11.27 28.31 -13.94
N LEU B 133 10.74 29.05 -14.92
CA LEU B 133 9.49 28.69 -15.57
C LEU B 133 9.78 28.37 -17.03
N ASN B 134 9.56 27.10 -17.39
CA ASN B 134 9.94 26.53 -18.68
C ASN B 134 8.98 27.03 -19.76
N THR B 135 9.47 27.89 -20.67
CA THR B 135 8.61 28.43 -21.73
C THR B 135 8.36 27.44 -22.87
N SER B 136 8.83 26.19 -22.75
CA SER B 136 8.39 25.16 -23.68
C SER B 136 6.90 24.89 -23.53
N TYR B 137 6.31 25.26 -22.39
CA TYR B 137 4.87 25.18 -22.16
C TYR B 137 4.26 26.55 -22.38
N ALA B 138 3.10 26.58 -23.03
CA ALA B 138 2.41 27.85 -23.28
C ALA B 138 1.94 28.48 -21.97
N ASP B 139 1.59 27.66 -20.98
CA ASP B 139 1.11 28.12 -19.68
C ASP B 139 2.05 27.56 -18.61
N PRO B 140 3.21 28.19 -18.41
CA PRO B 140 4.28 27.57 -17.60
C PRO B 140 3.94 27.43 -16.12
N GLU B 141 3.51 28.53 -15.49
CA GLU B 141 3.23 28.49 -14.06
C GLU B 141 2.13 27.49 -13.73
N GLU B 142 1.14 27.37 -14.61
CA GLU B 142 0.05 26.43 -14.41
C GLU B 142 0.48 25.01 -14.75
N ALA B 143 1.30 24.84 -15.79
CA ALA B 143 1.77 23.51 -16.16
C ALA B 143 2.64 22.90 -15.07
N GLN B 144 3.59 23.68 -14.56
CA GLN B 144 4.48 23.15 -13.54
C GLN B 144 3.74 22.97 -12.21
N GLU B 145 2.72 23.77 -11.95
CA GLU B 145 1.86 23.50 -10.80
C GLU B 145 1.19 22.15 -10.94
N LEU B 146 0.73 21.80 -12.14
CA LEU B 146 0.09 20.51 -12.36
C LEU B 146 1.10 19.37 -12.26
N LEU B 147 2.35 19.60 -12.67
CA LEU B 147 3.35 18.55 -12.57
C LEU B 147 3.58 18.12 -11.13
N VAL B 148 3.50 19.09 -10.20
CA VAL B 148 3.67 18.74 -8.78
C VAL B 148 2.54 17.86 -8.31
N HIS B 149 1.30 18.17 -8.71
CA HIS B 149 0.16 17.32 -8.36
C HIS B 149 0.26 15.96 -9.03
N THR B 150 0.71 15.93 -10.29
CA THR B 150 0.86 14.66 -10.99
C THR B 150 1.81 13.73 -10.24
N ALA B 151 2.93 14.25 -9.76
CA ALA B 151 3.87 13.42 -9.02
C ALA B 151 3.25 12.89 -7.73
N TRP B 152 2.53 13.76 -7.00
CA TRP B 152 1.84 13.28 -5.80
C TRP B 152 0.85 12.18 -6.13
N ASN B 153 0.21 12.25 -7.29
CA ASN B 153 -0.69 11.19 -7.71
C ASN B 153 0.07 9.90 -8.02
N GLU B 154 1.34 10.00 -8.44
CA GLU B 154 2.12 8.81 -8.69
C GLU B 154 2.64 8.19 -7.40
N LEU B 155 3.08 9.03 -6.45
CA LEU B 155 3.54 8.51 -5.16
C LEU B 155 2.40 7.91 -4.35
N LYS B 156 1.18 8.38 -4.58
CA LYS B 156 -0.06 7.84 -3.98
C LYS B 156 0.02 8.02 -2.46
N VAL B 157 -0.41 7.03 -1.68
CA VAL B 157 -0.47 7.19 -0.23
C VAL B 157 0.91 7.51 0.31
N VAL B 158 0.96 8.45 1.24
CA VAL B 158 2.22 8.98 1.77
C VAL B 158 2.22 8.87 3.28
N SER B 159 3.28 8.24 3.83
CA SER B 159 3.44 8.13 5.27
C SER B 159 3.82 9.48 5.87
N PRO B 160 3.57 9.68 7.17
CA PRO B 160 3.94 10.96 7.81
C PRO B 160 5.42 11.31 7.69
N VAL B 161 6.31 10.32 7.73
CA VAL B 161 7.73 10.61 7.59
C VAL B 161 8.08 11.01 6.17
N CYS B 162 7.28 10.60 5.19
CA CYS B 162 7.59 10.82 3.78
C CYS B 162 7.11 12.19 3.28
N ARG B 163 5.96 12.66 3.76
CA ARG B 163 5.33 13.83 3.17
C ARG B 163 6.22 15.07 3.15
N PRO B 164 6.88 15.48 4.24
CA PRO B 164 7.72 16.70 4.14
C PRO B 164 8.86 16.56 3.16
N ALA B 165 9.48 15.38 3.09
CA ALA B 165 10.59 15.20 2.15
C ALA B 165 10.09 15.16 0.72
N ALA B 166 8.97 14.49 0.47
CA ALA B 166 8.43 14.42 -0.88
C ALA B 166 7.94 15.78 -1.34
N GLU B 167 7.25 16.51 -0.46
CA GLU B 167 6.79 17.85 -0.81
C GLU B 167 7.97 18.74 -1.19
N ALA B 168 9.03 18.71 -0.39
CA ALA B 168 10.21 19.51 -0.68
C ALA B 168 10.84 19.08 -2.01
N LEU B 169 11.08 17.78 -2.16
CA LEU B 169 11.79 17.28 -3.33
C LEU B 169 11.07 17.63 -4.62
N LEU B 170 9.77 17.29 -4.71
CA LEU B 170 9.02 17.57 -5.93
C LEU B 170 8.95 19.07 -6.19
N CYS B 171 8.69 19.87 -5.15
CA CYS B 171 8.63 21.32 -5.34
C CYS B 171 9.96 21.88 -5.81
N ASN B 172 11.07 21.40 -5.23
CA ASN B 172 12.38 21.92 -5.62
C ASN B 172 12.82 21.43 -7.00
N HIS B 173 12.19 20.37 -7.50
CA HIS B 173 12.56 19.80 -8.80
C HIS B 173 11.76 20.39 -9.96
N ILE B 174 10.54 20.85 -9.69
CA ILE B 174 9.66 21.33 -10.74
C ILE B 174 9.69 22.85 -10.75
N PHE B 175 9.86 23.45 -9.58
CA PHE B 175 10.04 24.89 -9.45
C PHE B 175 11.46 25.15 -8.93
N GLN B 176 12.43 24.89 -9.79
CA GLN B 176 13.83 25.07 -9.45
C GLN B 176 14.20 26.55 -9.45
N GLU B 177 15.11 26.92 -8.55
CA GLU B 177 15.59 28.29 -8.47
C GLU B 177 16.46 28.61 -9.69
N CYS B 178 16.64 29.91 -9.93
CA CYS B 178 17.43 30.40 -11.06
C CYS B 178 18.86 30.67 -10.64
N SER B 179 19.81 30.21 -11.45
CA SER B 179 21.22 30.47 -11.18
C SER B 179 21.50 31.97 -11.22
N PRO B 180 22.46 32.43 -10.42
CA PRO B 180 22.93 33.82 -10.59
C PRO B 180 23.41 34.04 -12.00
N GLY B 181 23.05 35.19 -12.56
CA GLY B 181 23.39 35.49 -13.94
C GLY B 181 22.25 36.10 -14.70
N VAL B 182 22.49 36.46 -15.97
CA VAL B 182 21.48 37.12 -16.78
C VAL B 182 20.77 36.19 -17.74
N VAL B 183 21.27 34.98 -17.95
CA VAL B 183 20.61 33.99 -18.78
C VAL B 183 19.81 33.07 -17.87
N PRO B 184 18.50 32.91 -18.09
CA PRO B 184 17.69 32.08 -17.19
C PRO B 184 18.08 30.62 -17.30
N THR B 185 18.39 30.00 -16.15
CA THR B 185 18.82 28.61 -16.12
C THR B 185 18.57 28.05 -14.73
N PRO B 186 18.04 26.84 -14.62
CA PRO B 186 17.62 26.33 -13.31
C PRO B 186 18.71 25.61 -12.53
N ILE B 187 18.56 25.66 -11.21
CA ILE B 187 19.41 24.90 -10.29
C ILE B 187 18.78 23.52 -10.11
N PRO B 188 19.43 22.45 -10.57
CA PRO B 188 18.86 21.11 -10.38
C PRO B 188 18.95 20.70 -8.91
N ILE B 189 18.20 19.66 -8.58
CA ILE B 189 18.32 19.03 -7.27
C ILE B 189 19.50 18.06 -7.32
N CYS B 190 20.21 17.95 -6.20
CA CYS B 190 21.37 17.07 -6.13
C CYS B 190 20.93 15.61 -6.08
N ARG B 191 21.78 14.73 -6.60
CA ARG B 191 21.50 13.30 -6.58
C ARG B 191 21.27 12.80 -5.16
N GLU B 192 22.04 13.31 -4.20
CA GLU B 192 21.90 12.86 -2.80
C GLU B 192 20.55 13.25 -2.23
N TYR B 193 20.08 14.47 -2.54
CA TYR B 193 18.71 14.87 -2.20
C TYR B 193 17.72 13.83 -2.68
N CYS B 194 17.82 13.45 -3.95
CA CYS B 194 16.85 12.51 -4.54
C CYS B 194 16.92 11.16 -3.87
N LEU B 195 18.11 10.59 -3.71
CA LEU B 195 18.23 9.27 -3.12
C LEU B 195 17.89 9.29 -1.63
N ALA B 196 18.05 10.44 -0.98
CA ALA B 196 17.61 10.54 0.41
C ALA B 196 16.12 10.29 0.53
N VAL B 197 15.33 10.98 -0.29
CA VAL B 197 13.89 10.78 -0.30
C VAL B 197 13.53 9.38 -0.82
N LYS B 198 14.18 8.96 -1.92
CA LYS B 198 13.79 7.72 -2.57
C LYS B 198 14.10 6.50 -1.71
N GLU B 199 15.25 6.51 -1.03
CA GLU B 199 15.71 5.33 -0.32
C GLU B 199 15.57 5.41 1.20
N LEU B 200 15.17 6.56 1.74
CA LEU B 200 14.99 6.68 3.19
C LEU B 200 13.58 7.12 3.56
N PHE B 201 13.27 8.41 3.39
CA PHE B 201 12.00 8.94 3.89
C PHE B 201 10.80 8.34 3.16
N CYS B 202 10.94 8.01 1.88
CA CYS B 202 9.83 7.53 1.07
C CYS B 202 10.19 6.20 0.42
N ALA B 203 10.79 5.29 1.19
CA ALA B 203 11.29 4.04 0.62
C ALA B 203 10.15 3.13 0.18
N LYS B 204 9.16 2.93 1.06
CA LYS B 204 8.02 2.09 0.71
C LYS B 204 7.17 2.73 -0.39
N GLU B 205 6.93 4.04 -0.29
CA GLU B 205 6.13 4.74 -1.29
C GLU B 205 6.74 4.59 -2.67
N TRP B 206 8.05 4.84 -2.79
CA TRP B 206 8.70 4.69 -4.09
C TRP B 206 8.58 3.27 -4.61
N LEU B 207 8.70 2.28 -3.72
CA LEU B 207 8.60 0.88 -4.14
C LEU B 207 7.29 0.59 -4.84
N VAL B 208 6.17 1.01 -4.23
CA VAL B 208 4.86 0.77 -4.83
C VAL B 208 4.76 1.46 -6.19
N MET B 209 5.22 2.71 -6.26
CA MET B 209 5.16 3.44 -7.52
C MET B 209 6.00 2.78 -8.61
N GLU B 210 7.06 2.06 -8.23
CA GLU B 210 7.84 1.29 -9.20
C GLU B 210 7.16 0.00 -9.62
N GLU B 211 5.97 -0.29 -9.10
CA GLU B 211 5.22 -1.49 -9.50
C GLU B 211 4.13 -1.16 -10.51
N SER B 220 5.27 6.94 -19.04
CA SER B 220 4.27 8.01 -19.06
C SER B 220 4.95 9.38 -19.05
N GLU B 221 4.67 10.18 -20.09
CA GLU B 221 5.36 11.46 -20.26
C GLU B 221 5.16 12.38 -19.05
N MET B 222 3.99 12.34 -18.44
CA MET B 222 3.75 13.14 -17.24
C MET B 222 4.64 12.65 -16.09
N HIS B 223 4.80 11.33 -15.97
CA HIS B 223 5.70 10.78 -14.96
C HIS B 223 7.13 11.25 -15.17
N LEU B 224 7.60 11.21 -16.42
CA LEU B 224 8.99 11.56 -16.71
C LEU B 224 9.27 13.02 -16.42
N LEU B 225 8.28 13.90 -16.65
CA LEU B 225 8.48 15.32 -16.45
C LEU B 225 8.32 15.75 -15.00
N SER B 226 7.69 14.93 -14.16
CA SER B 226 7.35 15.32 -12.80
C SER B 226 8.08 14.53 -11.73
N VAL B 227 8.26 13.22 -11.90
CA VAL B 227 8.98 12.42 -10.92
C VAL B 227 10.47 12.47 -11.22
N PRO B 228 11.31 12.84 -10.27
CA PRO B 228 12.74 12.93 -10.53
C PRO B 228 13.36 11.54 -10.60
N GLU B 229 14.29 11.35 -11.51
CA GLU B 229 15.08 10.12 -11.54
C GLU B 229 16.48 10.48 -11.07
N CYS B 230 16.94 9.84 -10.01
CA CYS B 230 18.11 10.31 -9.29
C CYS B 230 19.42 10.17 -10.07
N SER B 231 19.49 9.25 -11.04
CA SER B 231 20.75 9.03 -11.73
C SER B 231 21.12 10.20 -12.64
N LYS B 232 20.14 10.93 -13.16
CA LYS B 232 20.40 12.08 -14.02
C LYS B 232 20.68 13.37 -13.26
N LEU B 233 20.96 13.30 -11.99
CA LEU B 233 21.21 14.51 -11.23
C LEU B 233 22.66 14.59 -10.81
N PRO B 234 23.24 15.79 -10.77
CA PRO B 234 24.63 15.92 -10.31
C PRO B 234 24.75 15.59 -8.84
N SER B 235 25.99 15.30 -8.44
CA SER B 235 26.29 15.05 -7.04
C SER B 235 26.68 16.35 -6.36
N MET B 236 26.24 16.51 -5.11
CA MET B 236 26.54 17.73 -4.36
C MET B 236 28.02 17.88 -4.05
N HIS B 237 28.82 16.83 -4.22
CA HIS B 237 30.24 16.91 -3.93
C HIS B 237 31.06 17.34 -5.13
N TRP B 238 30.49 17.25 -6.34
CA TRP B 238 31.18 17.76 -7.53
C TRP B 238 31.34 19.28 -7.46
N ASP B 239 30.38 19.96 -6.87
CA ASP B 239 30.30 21.40 -6.75
C ASP B 239 29.06 21.70 -5.92
N PRO B 240 29.20 21.89 -4.60
CA PRO B 240 28.02 22.10 -3.74
C PRO B 240 27.20 23.32 -4.10
N THR B 241 27.73 24.23 -4.91
CA THR B 241 27.01 25.42 -5.31
C THR B 241 26.07 25.19 -6.49
N ALA B 242 26.23 24.07 -7.22
CA ALA B 242 25.61 23.88 -8.51
C ALA B 242 24.36 22.99 -8.46
N CYS B 243 23.83 22.72 -7.27
CA CYS B 243 22.59 21.96 -7.16
C CYS B 243 21.99 22.20 -5.79
N ALA B 244 20.74 21.78 -5.62
CA ALA B 244 19.96 22.02 -4.41
C ALA B 244 19.96 20.78 -3.51
N ARG B 245 20.01 21.02 -2.20
CA ARG B 245 20.20 19.96 -1.22
C ARG B 245 18.96 19.78 -0.35
N LEU B 246 18.95 18.66 0.39
CA LEU B 246 17.90 18.33 1.36
C LEU B 246 17.67 19.49 2.29
N PRO B 247 16.54 20.18 2.20
CA PRO B 247 16.28 21.32 3.10
C PRO B 247 16.02 20.83 4.51
N HIS B 248 16.18 21.75 5.47
CA HIS B 248 15.79 21.41 6.83
C HIS B 248 14.28 21.19 6.88
N LEU B 249 13.86 19.96 7.17
CA LEU B 249 12.46 19.60 7.26
C LEU B 249 12.00 19.81 8.69
N GLU B 250 11.23 20.88 8.92
CA GLU B 250 10.74 21.21 10.25
C GLU B 250 9.74 20.16 10.72
N SER B 251 10.03 19.53 11.85
CA SER B 251 9.17 18.48 12.39
C SER B 251 8.06 19.09 13.23
N ARG B 252 6.82 18.64 12.99
CA ARG B 252 5.66 19.10 13.72
C ARG B 252 4.96 17.92 14.38
N TYR B 253 4.51 18.13 15.60
CA TYR B 253 3.76 17.10 16.34
C TYR B 253 2.26 17.28 16.16
N LEU B 254 1.84 17.38 14.90
CA LEU B 254 0.44 17.50 14.56
C LEU B 254 -0.29 16.19 14.89
N PRO B 255 -1.60 16.25 15.08
CA PRO B 255 -2.32 15.02 15.45
C PRO B 255 -2.31 13.98 14.35
N GLU B 256 -2.25 12.71 14.78
CA GLU B 256 -2.10 11.60 13.83
C GLU B 256 -3.24 11.57 12.82
N PHE B 257 -4.47 11.69 13.28
CA PHE B 257 -5.62 11.91 12.41
C PHE B 257 -6.09 13.34 12.65
N SER B 258 -5.76 14.22 11.70
CA SER B 258 -6.23 15.60 11.74
C SER B 258 -7.54 15.70 10.98
N TRP B 259 -8.60 16.13 11.65
CA TRP B 259 -9.93 16.06 11.08
C TRP B 259 -9.97 16.82 9.76
N PRO B 260 -10.63 16.28 8.73
CA PRO B 260 -10.68 16.98 7.45
C PRO B 260 -11.40 18.31 7.57
N GLU B 261 -11.09 19.21 6.62
CA GLU B 261 -11.80 20.48 6.57
C GLU B 261 -13.30 20.28 6.48
N SER B 262 -13.73 19.24 5.76
CA SER B 262 -15.16 18.96 5.62
C SER B 262 -15.81 18.79 6.98
N PHE B 263 -15.17 18.04 7.88
CA PHE B 263 -15.74 17.82 9.20
C PHE B 263 -15.65 19.08 10.06
N VAL B 264 -14.54 19.83 9.94
CA VAL B 264 -14.39 21.03 10.75
C VAL B 264 -15.46 22.06 10.39
N LEU B 265 -15.70 22.26 9.08
CA LEU B 265 -16.78 23.15 8.67
C LEU B 265 -18.14 22.64 9.12
N PHE B 266 -18.36 21.33 9.02
CA PHE B 266 -19.61 20.74 9.48
C PHE B 266 -19.85 21.02 10.96
N LEU B 267 -18.83 20.82 11.79
CA LEU B 267 -18.95 21.11 13.21
C LEU B 267 -19.33 22.56 13.43
N ARG B 268 -18.69 23.47 12.71
CA ARG B 268 -18.91 24.89 12.92
C ARG B 268 -20.33 25.30 12.54
N GLN B 269 -20.85 24.72 11.46
CA GLN B 269 -22.22 25.01 11.06
C GLN B 269 -23.21 24.54 12.11
N ARG B 270 -22.94 23.39 12.74
CA ARG B 270 -23.85 22.91 13.78
C ARG B 270 -23.80 23.79 15.02
N GLN B 271 -22.65 24.36 15.33
CA GLN B 271 -22.57 25.35 16.40
C GLN B 271 -23.36 26.60 16.04
N ARG B 272 -23.31 27.01 14.77
CA ARG B 272 -24.01 28.23 14.35
C ARG B 272 -25.52 28.06 14.39
N GLN B 273 -26.02 26.84 14.17
CA GLN B 273 -27.44 26.59 14.39
C GLN B 273 -27.78 26.38 15.86
N LEU B 274 -26.89 26.86 16.75
CA LEU B 274 -27.09 26.90 18.20
C LEU B 274 -27.06 25.50 18.81
N SER C 5 62.57 -28.60 29.31
CA SER C 5 62.31 -27.25 28.81
C SER C 5 61.71 -27.27 27.41
N VAL C 6 61.66 -28.46 26.81
CA VAL C 6 61.16 -28.60 25.45
C VAL C 6 59.65 -28.41 25.42
N PHE C 7 58.95 -28.95 26.41
CA PHE C 7 57.50 -28.86 26.45
C PHE C 7 57.05 -27.52 27.01
N ALA C 8 55.83 -27.13 26.63
CA ALA C 8 55.30 -25.83 27.02
C ALA C 8 55.27 -25.67 28.53
N ARG C 9 55.87 -24.59 29.01
CA ARG C 9 55.94 -24.27 30.44
C ARG C 9 55.64 -22.79 30.61
N ILE C 10 54.90 -22.46 31.65
CA ILE C 10 54.53 -21.07 31.94
C ILE C 10 55.56 -20.48 32.89
N LEU C 11 56.28 -19.45 32.42
CA LEU C 11 57.25 -18.78 33.29
C LEU C 11 56.57 -17.79 34.22
N ARG C 12 55.75 -16.89 33.66
CA ARG C 12 55.01 -15.91 34.44
C ARG C 12 53.54 -16.28 34.39
N ALA C 13 52.95 -16.52 35.57
CA ALA C 13 51.55 -16.89 35.56
C ALA C 13 50.66 -15.67 35.76
N PRO C 14 49.42 -15.71 35.27
CA PRO C 14 48.48 -14.65 35.60
C PRO C 14 48.21 -14.61 37.09
N GLU C 15 47.94 -13.40 37.58
CA GLU C 15 47.79 -13.15 39.01
C GLU C 15 46.38 -12.65 39.30
N SER C 16 45.81 -13.12 40.41
CA SER C 16 44.46 -12.73 40.78
C SER C 16 44.42 -11.28 41.25
N HIS C 17 43.32 -10.60 40.95
CA HIS C 17 43.15 -9.20 41.31
C HIS C 17 41.78 -8.96 41.92
N ASN C 18 41.71 -7.94 42.78
CA ASN C 18 40.47 -7.45 43.37
C ASN C 18 40.33 -5.98 42.97
N VAL C 19 39.43 -5.71 42.02
CA VAL C 19 39.30 -4.38 41.44
C VAL C 19 37.88 -3.86 41.67
N THR C 20 37.71 -2.57 41.44
CA THR C 20 36.40 -1.93 41.56
C THR C 20 35.68 -1.93 40.22
N PHE C 21 34.36 -1.76 40.29
CA PHE C 21 33.53 -1.81 39.09
C PHE C 21 34.02 -0.81 38.04
N GLY C 22 34.08 -1.26 36.80
CA GLY C 22 34.54 -0.41 35.72
C GLY C 22 36.03 -0.11 35.75
N SER C 23 36.86 -1.11 36.03
CA SER C 23 38.30 -0.95 36.03
C SER C 23 38.90 -1.67 34.82
N PHE C 24 39.91 -1.05 34.21
CA PHE C 24 40.67 -1.70 33.16
C PHE C 24 41.82 -2.46 33.79
N VAL C 25 41.89 -3.77 33.53
CA VAL C 25 42.95 -4.61 34.06
C VAL C 25 43.62 -5.34 32.90
N THR C 26 44.88 -5.73 33.13
CA THR C 26 45.68 -6.41 32.15
C THR C 26 46.28 -7.65 32.80
N LEU C 27 45.95 -8.82 32.27
CA LEU C 27 46.52 -10.06 32.77
C LEU C 27 47.73 -10.44 31.94
N HIS C 28 48.69 -11.09 32.58
CA HIS C 28 49.96 -11.43 31.97
C HIS C 28 50.15 -12.94 31.97
N CYS C 29 50.69 -13.46 30.86
CA CYS C 29 51.11 -14.85 30.80
C CYS C 29 52.34 -14.94 29.92
N THR C 30 53.40 -15.54 30.44
CA THR C 30 54.62 -15.79 29.71
C THR C 30 54.89 -17.29 29.71
N ALA C 31 55.18 -17.83 28.53
CA ALA C 31 55.39 -19.26 28.36
C ALA C 31 56.60 -19.48 27.47
N THR C 32 57.22 -20.65 27.62
CA THR C 32 58.40 -21.00 26.85
C THR C 32 58.29 -22.44 26.37
N GLY C 33 59.06 -22.76 25.35
CA GLY C 33 59.08 -24.11 24.81
C GLY C 33 59.71 -24.13 23.44
N ILE C 34 60.01 -25.35 22.98
CA ILE C 34 60.59 -25.57 21.66
C ILE C 34 59.71 -26.58 20.94
N PRO C 35 58.92 -26.18 19.93
CA PRO C 35 58.78 -24.84 19.37
C PRO C 35 58.07 -23.88 20.33
N VAL C 36 58.14 -22.59 20.06
CA VAL C 36 57.56 -21.62 20.99
C VAL C 36 56.07 -21.89 21.14
N PRO C 37 55.53 -21.91 22.35
CA PRO C 37 54.11 -22.25 22.52
C PRO C 37 53.19 -21.13 22.07
N THR C 38 51.91 -21.48 21.93
CA THR C 38 50.83 -20.53 21.76
C THR C 38 50.14 -20.34 23.10
N ILE C 39 49.51 -19.17 23.27
CA ILE C 39 48.82 -18.85 24.52
C ILE C 39 47.39 -18.49 24.19
N THR C 40 46.45 -19.26 24.72
CA THR C 40 45.02 -19.02 24.55
C THR C 40 44.45 -18.53 25.87
N TRP C 41 43.61 -17.50 25.80
CA TRP C 41 42.97 -16.95 26.99
C TRP C 41 41.53 -17.42 27.07
N ILE C 42 41.13 -17.94 28.23
CA ILE C 42 39.81 -18.52 28.44
C ILE C 42 39.13 -17.76 29.56
N GLU C 43 37.88 -17.38 29.35
CA GLU C 43 37.11 -16.59 30.29
C GLU C 43 35.90 -17.39 30.74
N ASN C 44 35.92 -17.83 32.00
CA ASN C 44 34.84 -18.64 32.58
C ASN C 44 34.53 -19.85 31.71
N GLY C 45 35.54 -20.39 31.04
CA GLY C 45 35.37 -21.58 30.22
C GLY C 45 34.97 -21.34 28.79
N ASN C 46 34.76 -20.10 28.38
CA ASN C 46 34.51 -19.80 26.97
C ASN C 46 35.58 -18.83 26.48
N ALA C 47 35.41 -18.35 25.25
CA ALA C 47 36.29 -17.32 24.75
C ALA C 47 36.00 -16.01 25.48
N VAL C 48 37.03 -15.17 25.58
CA VAL C 48 36.86 -13.84 26.14
C VAL C 48 35.78 -13.12 25.34
N SER C 49 34.73 -12.66 26.03
CA SER C 49 33.66 -11.98 25.32
C SER C 49 34.14 -10.64 24.76
N SER C 50 34.88 -9.88 25.55
CA SER C 50 35.36 -8.58 25.15
C SER C 50 36.72 -8.33 25.78
N GLY C 51 37.71 -8.01 24.95
CA GLY C 51 39.05 -7.79 25.44
C GLY C 51 40.00 -7.55 24.30
N SER C 52 41.29 -7.54 24.64
CA SER C 52 42.34 -7.29 23.66
C SER C 52 43.59 -8.04 24.08
N ILE C 53 44.15 -8.80 23.16
CA ILE C 53 45.36 -9.58 23.39
C ILE C 53 46.50 -8.93 22.62
N GLN C 54 47.55 -8.55 23.33
CA GLN C 54 48.82 -8.15 22.71
C GLN C 54 49.86 -9.19 23.10
N GLU C 55 50.45 -9.84 22.09
CA GLU C 55 51.42 -10.88 22.35
C GLU C 55 52.66 -10.64 21.49
N SER C 56 53.82 -10.90 22.07
CA SER C 56 55.10 -10.79 21.38
C SER C 56 55.87 -12.09 21.54
N VAL C 57 56.33 -12.64 20.42
CA VAL C 57 57.04 -13.91 20.40
C VAL C 57 58.52 -13.64 20.14
N LYS C 58 59.37 -14.03 21.08
CA LYS C 58 60.82 -13.83 20.98
C LYS C 58 61.49 -15.20 21.11
N ASP C 59 61.77 -15.82 19.96
CA ASP C 59 62.51 -17.09 19.89
C ASP C 59 61.79 -18.22 20.60
N ARG C 60 62.18 -18.51 21.85
CA ARG C 60 61.56 -19.59 22.61
C ARG C 60 60.50 -19.09 23.59
N VAL C 61 60.20 -17.81 23.63
CA VAL C 61 59.35 -17.23 24.67
C VAL C 61 58.22 -16.44 24.04
N ILE C 62 57.01 -16.63 24.56
CA ILE C 62 55.83 -15.87 24.16
C ILE C 62 55.30 -15.15 25.40
N ASP C 63 55.08 -13.85 25.28
CA ASP C 63 54.49 -13.05 26.35
C ASP C 63 53.14 -12.53 25.88
N SER C 64 52.07 -12.95 26.56
CA SER C 64 50.70 -12.60 26.20
C SER C 64 50.10 -11.71 27.28
N ARG C 65 49.56 -10.57 26.86
CA ARG C 65 48.86 -9.64 27.73
C ARG C 65 47.41 -9.55 27.29
N LEU C 66 46.48 -9.72 28.22
CA LEU C 66 45.05 -9.66 27.93
C LEU C 66 44.44 -8.48 28.68
N GLN C 67 43.94 -7.50 27.94
CA GLN C 67 43.27 -6.34 28.51
C GLN C 67 41.78 -6.62 28.65
N LEU C 68 41.21 -6.19 29.77
CA LEU C 68 39.80 -6.41 30.05
C LEU C 68 39.18 -5.18 30.69
N PHE C 69 37.88 -4.99 30.46
CA PHE C 69 37.06 -4.03 31.19
C PHE C 69 36.18 -4.79 32.16
N ILE C 70 36.50 -4.70 33.45
CA ILE C 70 35.92 -5.56 34.47
C ILE C 70 34.62 -4.95 34.99
N THR C 71 33.50 -5.64 34.75
CA THR C 71 32.22 -5.29 35.32
C THR C 71 31.58 -6.43 36.11
N LYS C 72 32.07 -7.66 35.94
CA LYS C 72 31.59 -8.84 36.64
C LYS C 72 32.79 -9.63 37.11
N PRO C 73 32.65 -10.41 38.19
CA PRO C 73 33.72 -11.36 38.55
C PRO C 73 33.92 -12.38 37.45
N GLY C 74 35.13 -12.93 37.40
CA GLY C 74 35.45 -13.94 36.42
C GLY C 74 36.72 -14.71 36.74
N LEU C 75 36.80 -15.95 36.25
CA LEU C 75 38.01 -16.74 36.35
C LEU C 75 38.62 -16.85 34.95
N TYR C 76 39.88 -16.45 34.83
CA TYR C 76 40.56 -16.37 33.55
C TYR C 76 41.72 -17.36 33.53
N THR C 77 41.90 -18.05 32.41
CA THR C 77 42.89 -19.11 32.35
C THR C 77 43.80 -18.92 31.15
N CYS C 78 45.09 -19.12 31.39
CA CYS C 78 46.11 -19.11 30.37
C CYS C 78 46.41 -20.56 29.97
N ILE C 79 46.39 -20.82 28.67
CA ILE C 79 46.60 -22.17 28.12
C ILE C 79 47.80 -22.09 27.19
N ALA C 80 48.95 -22.60 27.64
CA ALA C 80 50.18 -22.59 26.87
C ALA C 80 50.38 -23.95 26.22
N THR C 81 50.57 -23.96 24.90
CA THR C 81 50.56 -25.20 24.15
C THR C 81 51.61 -25.17 23.04
N ASN C 82 52.38 -26.25 22.93
CA ASN C 82 53.19 -26.51 21.74
C ASN C 82 53.01 -27.96 21.33
N LYS C 83 53.48 -28.28 20.12
CA LYS C 83 53.28 -29.59 19.51
C LYS C 83 54.61 -30.21 19.12
N HIS C 84 54.82 -31.46 19.51
CA HIS C 84 56.01 -32.23 19.15
C HIS C 84 55.55 -33.52 18.48
N GLY C 85 55.74 -33.59 17.17
CA GLY C 85 55.15 -34.69 16.40
C GLY C 85 53.69 -34.43 16.17
N GLU C 86 52.85 -35.43 16.47
CA GLU C 86 51.40 -35.29 16.40
C GLU C 86 50.78 -35.17 17.79
N LYS C 87 51.58 -35.01 18.84
CA LYS C 87 51.11 -34.91 20.21
C LYS C 87 51.28 -33.50 20.73
N PHE C 88 50.26 -33.00 21.42
CA PHE C 88 50.27 -31.69 22.04
C PHE C 88 50.76 -31.78 23.49
N SER C 89 51.42 -30.71 23.94
CA SER C 89 51.77 -30.54 25.34
C SER C 89 51.18 -29.20 25.80
N THR C 90 50.48 -29.23 26.93
CA THR C 90 49.69 -28.07 27.38
C THR C 90 49.95 -27.78 28.85
N ALA C 91 50.22 -26.51 29.15
CA ALA C 91 50.33 -26.02 30.51
C ALA C 91 49.22 -24.99 30.75
N LYS C 92 48.61 -25.06 31.93
CA LYS C 92 47.54 -24.14 32.29
C LYS C 92 47.92 -23.35 33.54
N ALA C 93 47.34 -22.16 33.65
CA ALA C 93 47.50 -21.34 34.84
C ALA C 93 46.32 -20.39 34.91
N ALA C 94 45.62 -20.37 36.03
CA ALA C 94 44.42 -19.58 36.18
C ALA C 94 44.65 -18.39 37.11
N ALA C 95 43.71 -17.46 37.07
CA ALA C 95 43.72 -16.29 37.94
C ALA C 95 42.30 -15.77 38.05
N THR C 96 41.88 -15.42 39.26
CA THR C 96 40.51 -15.00 39.53
C THR C 96 40.45 -13.49 39.65
N ILE C 97 39.57 -12.88 38.86
CA ILE C 97 39.26 -11.46 38.95
C ILE C 97 37.95 -11.32 39.72
N SER C 98 38.01 -10.63 40.86
CA SER C 98 36.83 -10.39 41.68
C SER C 98 36.67 -8.89 41.92
N ILE C 99 35.50 -8.51 42.41
CA ILE C 99 35.09 -7.10 42.48
C ILE C 99 34.92 -6.70 43.93
N ALA C 100 35.36 -5.48 44.26
CA ALA C 100 35.28 -4.94 45.60
C ALA C 100 34.02 -4.09 45.79
N GLU C 101 33.81 -3.63 47.02
CA GLU C 101 32.65 -2.84 47.41
C GLU C 101 31.33 -3.53 47.07
N ASN C 109 27.39 12.58 44.39
CA ASN C 109 27.28 12.92 42.98
C ASN C 109 27.46 11.68 42.10
N LYS C 110 26.67 11.62 41.03
CA LYS C 110 26.70 10.48 40.12
C LYS C 110 27.81 10.57 39.08
N GLY C 111 28.41 11.74 38.90
CA GLY C 111 29.51 11.87 37.98
C GLY C 111 30.04 13.29 37.98
N TYR C 112 30.90 13.58 37.01
CA TYR C 112 31.46 14.91 36.85
C TYR C 112 31.39 15.32 35.38
N CYS C 113 31.65 16.60 35.14
CA CYS C 113 31.57 17.19 33.80
C CYS C 113 32.96 17.57 33.33
N ALA C 114 33.24 17.31 32.05
CA ALA C 114 34.57 17.58 31.52
C ALA C 114 34.49 17.67 30.00
N GLN C 115 35.55 18.22 29.40
CA GLN C 115 35.66 18.26 27.96
C GLN C 115 36.04 16.87 27.43
N TYR C 116 35.39 16.47 26.35
CA TYR C 116 35.74 15.21 25.73
C TYR C 116 37.16 15.27 25.17
N ARG C 117 37.95 14.23 25.44
CA ARG C 117 39.33 14.19 24.98
C ARG C 117 39.70 12.83 24.39
N GLY C 118 38.72 12.06 23.91
CA GLY C 118 38.97 10.78 23.29
C GLY C 118 39.14 10.90 21.79
N GLU C 119 39.20 9.74 21.14
CA GLU C 119 39.39 9.67 19.70
C GLU C 119 38.11 9.32 18.94
N VAL C 120 37.28 8.44 19.48
CA VAL C 120 36.18 7.86 18.72
C VAL C 120 35.05 8.87 18.46
N CYS C 121 34.92 9.89 19.30
CA CYS C 121 33.84 10.87 19.18
C CYS C 121 34.34 12.27 18.84
N ASN C 122 35.62 12.42 18.52
CA ASN C 122 36.17 13.76 18.31
C ASN C 122 35.53 14.46 17.12
N ALA C 123 35.04 13.71 16.14
CA ALA C 123 34.38 14.31 14.99
C ALA C 123 32.91 14.65 15.25
N VAL C 124 32.36 14.28 16.41
CA VAL C 124 30.97 14.52 16.73
C VAL C 124 30.82 15.52 17.86
N LEU C 125 31.61 15.37 18.92
CA LEU C 125 31.43 16.17 20.13
C LEU C 125 32.13 17.53 20.00
N ALA C 126 31.43 18.57 20.43
CA ALA C 126 31.94 19.93 20.32
C ALA C 126 33.02 20.20 21.36
N LYS C 127 34.00 21.03 20.96
CA LYS C 127 35.06 21.40 21.88
C LYS C 127 34.55 22.25 23.03
N ASP C 128 33.52 23.06 22.80
CA ASP C 128 32.98 23.96 23.81
C ASP C 128 31.93 23.32 24.69
N ALA C 129 31.78 22.00 24.64
CA ALA C 129 30.79 21.31 25.44
C ALA C 129 31.47 20.52 26.55
N LEU C 130 30.77 20.38 27.67
CA LEU C 130 31.18 19.54 28.77
C LEU C 130 30.26 18.33 28.83
N VAL C 131 30.86 17.14 28.88
CA VAL C 131 30.09 15.91 28.87
C VAL C 131 30.12 15.28 30.26
N PHE C 132 29.14 14.41 30.50
CA PHE C 132 28.96 13.75 31.79
C PHE C 132 29.76 12.46 31.82
N LEU C 133 30.64 12.32 32.80
CA LEU C 133 31.42 11.09 32.98
C LEU C 133 30.92 10.37 34.22
N ASN C 134 30.43 9.14 34.01
CA ASN C 134 29.73 8.37 35.02
C ASN C 134 30.75 7.77 35.97
N THR C 135 30.87 8.35 37.17
CA THR C 135 31.82 7.86 38.16
C THR C 135 31.39 6.55 38.81
N SER C 136 30.29 5.95 38.39
CA SER C 136 30.05 4.55 38.74
C SER C 136 31.19 3.67 38.27
N TYR C 137 31.89 4.09 37.23
CA TYR C 137 33.07 3.42 36.71
C TYR C 137 34.32 4.01 37.34
N ALA C 138 35.32 3.15 37.57
CA ALA C 138 36.59 3.63 38.12
C ALA C 138 37.35 4.47 37.11
N ASP C 139 37.28 4.10 35.82
CA ASP C 139 37.95 4.82 34.74
C ASP C 139 36.87 5.34 33.79
N PRO C 140 36.21 6.44 34.15
CA PRO C 140 35.01 6.84 33.39
C PRO C 140 35.27 7.16 31.92
N GLU C 141 36.30 7.95 31.63
CA GLU C 141 36.53 8.38 30.26
C GLU C 141 36.89 7.19 29.36
N GLU C 142 37.67 6.26 29.89
CA GLU C 142 38.07 5.10 29.09
C GLU C 142 36.93 4.11 28.95
N ALA C 143 36.11 3.97 30.00
CA ALA C 143 34.96 3.07 29.95
C ALA C 143 33.98 3.51 28.87
N GLN C 144 33.58 4.78 28.89
CA GLN C 144 32.61 5.26 27.94
C GLN C 144 33.17 5.29 26.52
N GLU C 145 34.46 5.54 26.37
CA GLU C 145 35.11 5.37 25.06
C GLU C 145 34.94 3.93 24.58
N LEU C 146 35.14 2.95 25.46
CA LEU C 146 34.96 1.57 25.07
C LEU C 146 33.50 1.26 24.77
N LEU C 147 32.57 1.90 25.50
CA LEU C 147 31.15 1.67 25.25
C LEU C 147 30.77 2.05 23.83
N VAL C 148 31.33 3.14 23.31
CA VAL C 148 31.08 3.53 21.93
C VAL C 148 31.55 2.44 20.97
N HIS C 149 32.78 1.97 21.17
CA HIS C 149 33.29 0.88 20.33
C HIS C 149 32.43 -0.36 20.47
N THR C 150 31.95 -0.63 21.69
CA THR C 150 31.13 -1.81 21.92
C THR C 150 29.81 -1.72 21.16
N ALA C 151 29.22 -0.53 21.10
CA ALA C 151 28.00 -0.35 20.32
C ALA C 151 28.27 -0.57 18.84
N TRP C 152 29.36 0.01 18.32
CA TRP C 152 29.74 -0.21 16.92
C TRP C 152 29.84 -1.69 16.60
N ASN C 153 30.32 -2.49 17.55
CA ASN C 153 30.47 -3.92 17.30
C ASN C 153 29.11 -4.61 17.26
N GLU C 154 28.17 -4.15 18.09
CA GLU C 154 26.81 -4.67 18.01
C GLU C 154 26.17 -4.32 16.66
N LEU C 155 26.48 -3.13 16.14
CA LEU C 155 25.91 -2.66 14.89
C LEU C 155 26.49 -3.37 13.68
N LYS C 156 27.74 -3.83 13.78
CA LYS C 156 28.43 -4.61 12.72
C LYS C 156 28.47 -3.76 11.44
N VAL C 157 28.21 -4.37 10.28
CA VAL C 157 28.41 -3.72 8.99
C VAL C 157 27.44 -2.55 8.84
N VAL C 158 27.99 -1.35 8.70
CA VAL C 158 27.21 -0.12 8.60
C VAL C 158 27.32 0.40 7.17
N SER C 159 26.20 0.82 6.59
CA SER C 159 26.20 1.42 5.28
C SER C 159 26.82 2.81 5.37
N PRO C 160 27.20 3.40 4.23
CA PRO C 160 27.70 4.78 4.26
C PRO C 160 26.66 5.79 4.73
N VAL C 161 25.36 5.52 4.51
CA VAL C 161 24.34 6.46 4.97
C VAL C 161 24.05 6.27 6.45
N CYS C 162 24.23 5.05 6.98
CA CYS C 162 24.00 4.82 8.39
C CYS C 162 25.14 5.33 9.26
N ARG C 163 26.38 5.23 8.76
CA ARG C 163 27.56 5.55 9.57
C ARG C 163 27.52 6.93 10.23
N PRO C 164 27.28 8.03 9.51
CA PRO C 164 27.29 9.33 10.20
C PRO C 164 26.18 9.45 11.24
N ALA C 165 25.01 8.89 10.96
CA ALA C 165 23.91 8.95 11.93
C ALA C 165 24.21 8.08 13.15
N ALA C 166 24.74 6.87 12.93
CA ALA C 166 25.06 6.00 14.06
C ALA C 166 26.21 6.55 14.89
N GLU C 167 27.19 7.18 14.23
CA GLU C 167 28.29 7.81 14.98
C GLU C 167 27.75 8.88 15.92
N ALA C 168 26.94 9.80 15.39
CA ALA C 168 26.36 10.85 16.21
C ALA C 168 25.51 10.28 17.35
N LEU C 169 24.62 9.35 17.02
CA LEU C 169 23.68 8.82 18.01
C LEU C 169 24.41 8.19 19.19
N LEU C 170 25.34 7.28 18.92
CA LEU C 170 26.06 6.61 19.99
C LEU C 170 26.92 7.59 20.79
N CYS C 171 27.60 8.50 20.09
CA CYS C 171 28.47 9.46 20.77
C CYS C 171 27.67 10.37 21.70
N ASN C 172 26.53 10.90 21.23
CA ASN C 172 25.73 11.76 22.07
C ASN C 172 25.07 10.99 23.22
N HIS C 173 24.87 9.69 23.06
CA HIS C 173 24.20 8.89 24.08
C HIS C 173 25.15 8.42 25.17
N ILE C 174 26.42 8.20 24.84
CA ILE C 174 27.39 7.65 25.78
C ILE C 174 28.21 8.79 26.40
N PHE C 175 28.44 9.84 25.63
CA PHE C 175 29.03 11.07 26.13
C PHE C 175 27.97 12.17 26.08
N GLN C 176 27.08 12.15 27.06
CA GLN C 176 25.96 13.08 27.08
C GLN C 176 26.39 14.44 27.62
N GLU C 177 25.89 15.50 26.99
CA GLU C 177 26.20 16.84 27.45
C GLU C 177 25.64 17.06 28.85
N CYS C 178 26.36 17.84 29.65
CA CYS C 178 25.96 18.10 31.03
C CYS C 178 24.84 19.12 31.06
N SER C 179 23.79 18.80 31.81
CA SER C 179 22.66 19.72 31.92
C SER C 179 23.09 21.00 32.65
N PRO C 180 22.54 22.15 32.26
CA PRO C 180 22.86 23.39 32.99
C PRO C 180 22.53 23.26 34.47
N GLY C 181 23.33 23.94 35.28
CA GLY C 181 23.24 23.86 36.72
C GLY C 181 24.55 23.41 37.32
N VAL C 182 24.55 23.31 38.65
CA VAL C 182 25.75 23.00 39.40
C VAL C 182 25.86 21.52 39.76
N VAL C 183 24.83 20.73 39.50
CA VAL C 183 24.82 19.31 39.82
C VAL C 183 25.07 18.55 38.52
N PRO C 184 26.15 17.77 38.43
CA PRO C 184 26.42 17.01 37.20
C PRO C 184 25.33 16.00 36.89
N THR C 185 24.57 16.24 35.82
CA THR C 185 23.53 15.36 35.32
C THR C 185 23.62 15.32 33.81
N PRO C 186 23.32 14.18 33.20
CA PRO C 186 23.40 14.06 31.74
C PRO C 186 22.13 14.52 31.05
N ILE C 187 22.32 15.08 29.85
CA ILE C 187 21.24 15.37 28.93
C ILE C 187 21.07 14.16 28.01
N PRO C 188 19.94 13.46 28.06
CA PRO C 188 19.77 12.27 27.22
C PRO C 188 19.39 12.65 25.80
N ILE C 189 19.59 11.70 24.88
CA ILE C 189 19.14 11.89 23.50
C ILE C 189 17.62 11.73 23.45
N CYS C 190 16.99 12.44 22.52
CA CYS C 190 15.54 12.40 22.39
C CYS C 190 15.10 11.10 21.74
N ARG C 191 13.85 10.71 22.04
CA ARG C 191 13.25 9.53 21.40
C ARG C 191 13.29 9.65 19.88
N GLU C 192 12.93 10.83 19.36
CA GLU C 192 12.84 11.01 17.92
C GLU C 192 14.23 10.95 17.27
N TYR C 193 15.24 11.45 17.97
CA TYR C 193 16.61 11.25 17.52
C TYR C 193 16.91 9.76 17.36
N CYS C 194 16.72 9.00 18.44
CA CYS C 194 16.95 7.56 18.40
C CYS C 194 16.12 6.89 17.31
N LEU C 195 14.82 7.20 17.26
CA LEU C 195 13.93 6.55 16.31
C LEU C 195 14.33 6.85 14.87
N ALA C 196 14.83 8.05 14.59
CA ALA C 196 15.24 8.38 13.24
C ALA C 196 16.41 7.52 12.79
N VAL C 197 17.38 7.29 13.68
CA VAL C 197 18.50 6.44 13.33
C VAL C 197 18.05 4.99 13.19
N LYS C 198 17.21 4.51 14.11
CA LYS C 198 16.83 3.10 14.11
C LYS C 198 15.84 2.79 12.98
N GLU C 199 14.94 3.73 12.67
CA GLU C 199 13.90 3.47 11.68
C GLU C 199 14.22 4.04 10.30
N LEU C 200 15.27 4.85 10.16
CA LEU C 200 15.61 5.40 8.86
C LEU C 200 17.05 5.11 8.48
N PHE C 201 17.99 5.90 9.01
CA PHE C 201 19.37 5.85 8.53
C PHE C 201 19.99 4.47 8.72
N CYS C 202 19.71 3.80 9.83
CA CYS C 202 20.27 2.50 10.12
C CYS C 202 19.19 1.43 10.22
N ALA C 203 18.12 1.58 9.44
CA ALA C 203 16.99 0.67 9.51
C ALA C 203 17.43 -0.78 9.30
N LYS C 204 18.27 -1.01 8.29
CA LYS C 204 18.69 -2.38 7.99
C LYS C 204 19.69 -2.88 9.03
N GLU C 205 20.63 -2.01 9.45
CA GLU C 205 21.60 -2.42 10.46
C GLU C 205 20.93 -2.75 11.78
N TRP C 206 19.86 -2.02 12.13
CA TRP C 206 19.22 -2.23 13.41
C TRP C 206 18.43 -3.53 13.44
N LEU C 207 17.85 -3.94 12.31
CA LEU C 207 17.10 -5.19 12.28
C LEU C 207 18.04 -6.41 12.39
N VAL C 208 19.23 -6.31 11.82
CA VAL C 208 20.21 -7.39 11.96
C VAL C 208 20.60 -7.57 13.43
N MET C 209 20.81 -6.46 14.14
CA MET C 209 21.23 -6.56 15.54
C MET C 209 20.12 -7.11 16.42
N GLU C 210 18.87 -6.71 16.16
CA GLU C 210 17.75 -7.14 16.99
C GLU C 210 17.59 -8.66 17.02
N GLU C 211 18.13 -9.37 16.05
CA GLU C 211 18.11 -10.83 16.06
C GLU C 211 19.49 -11.40 16.41
N ARG C 219 21.15 -7.95 24.82
CA ARG C 219 20.81 -8.61 26.08
C ARG C 219 21.98 -8.63 27.05
N SER C 220 23.20 -8.56 26.52
CA SER C 220 24.38 -8.51 27.38
C SER C 220 24.46 -7.14 28.06
N GLU C 221 25.03 -7.14 29.27
CA GLU C 221 25.17 -5.89 30.01
C GLU C 221 25.90 -4.83 29.21
N MET C 222 26.87 -5.24 28.39
CA MET C 222 27.57 -4.28 27.54
C MET C 222 26.65 -3.75 26.45
N HIS C 223 25.74 -4.58 25.94
CA HIS C 223 24.76 -4.08 24.97
C HIS C 223 23.85 -3.04 25.60
N LEU C 224 23.33 -3.33 26.80
CA LEU C 224 22.39 -2.40 27.45
C LEU C 224 23.06 -1.07 27.75
N LEU C 225 24.33 -1.09 28.14
CA LEU C 225 25.03 0.15 28.48
C LEU C 225 25.41 0.96 27.25
N SER C 226 25.49 0.33 26.07
CA SER C 226 26.04 0.98 24.89
C SER C 226 25.00 1.29 23.82
N VAL C 227 24.01 0.43 23.63
CA VAL C 227 23.02 0.58 22.56
C VAL C 227 21.76 1.22 23.14
N PRO C 228 21.35 2.39 22.65
CA PRO C 228 20.17 3.04 23.23
C PRO C 228 18.89 2.28 22.91
N GLU C 229 17.95 2.31 23.86
CA GLU C 229 16.60 1.81 23.66
C GLU C 229 15.68 3.02 23.59
N CYS C 230 15.03 3.22 22.44
CA CYS C 230 14.35 4.48 22.16
C CYS C 230 13.07 4.66 22.98
N SER C 231 12.48 3.58 23.49
CA SER C 231 11.23 3.74 24.24
C SER C 231 11.46 4.27 25.65
N LYS C 232 12.68 4.17 26.16
CA LYS C 232 13.02 4.69 27.48
C LYS C 232 13.66 6.08 27.41
N LEU C 233 13.41 6.83 26.34
CA LEU C 233 13.97 8.15 26.13
C LEU C 233 12.88 9.22 26.12
N PRO C 234 13.18 10.43 26.59
CA PRO C 234 12.19 11.50 26.56
C PRO C 234 11.98 12.05 25.16
N SER C 235 10.86 12.71 24.98
CA SER C 235 10.45 13.23 23.68
C SER C 235 10.85 14.70 23.54
N MET C 236 11.45 15.04 22.40
CA MET C 236 11.83 16.42 22.12
C MET C 236 10.63 17.36 22.13
N HIS C 237 9.44 16.84 21.83
CA HIS C 237 8.25 17.68 21.84
C HIS C 237 7.72 17.94 23.25
N TRP C 238 8.18 17.17 24.25
CA TRP C 238 7.87 17.50 25.64
C TRP C 238 8.58 18.77 26.07
N ASP C 239 9.85 18.91 25.70
CA ASP C 239 10.69 20.02 26.10
C ASP C 239 11.96 19.98 25.28
N PRO C 240 12.06 20.76 24.19
CA PRO C 240 13.23 20.68 23.31
C PRO C 240 14.55 21.01 24.00
N THR C 241 14.50 21.71 25.13
CA THR C 241 15.71 22.02 25.88
C THR C 241 16.23 20.85 26.69
N ALA C 242 15.41 19.82 26.90
CA ALA C 242 15.69 18.77 27.87
C ALA C 242 16.27 17.49 27.27
N CYS C 243 16.49 17.45 25.95
CA CYS C 243 17.13 16.30 25.35
C CYS C 243 17.87 16.71 24.08
N ALA C 244 18.81 15.86 23.67
CA ALA C 244 19.66 16.15 22.52
C ALA C 244 18.94 15.76 21.24
N ARG C 245 18.77 16.73 20.34
CA ARG C 245 18.09 16.50 19.09
C ARG C 245 19.06 15.93 18.06
N LEU C 246 18.50 15.43 16.96
CA LEU C 246 19.33 14.94 15.88
C LEU C 246 20.20 16.06 15.31
N PRO C 247 21.51 15.89 15.26
CA PRO C 247 22.39 16.94 14.73
C PRO C 247 22.32 16.98 13.21
N HIS C 248 22.99 17.99 12.65
CA HIS C 248 23.13 18.10 11.21
C HIS C 248 24.25 17.17 10.76
N LEU C 249 23.89 16.09 10.09
CA LEU C 249 24.87 15.10 9.66
C LEU C 249 25.62 15.60 8.44
N GLU C 250 26.94 15.45 8.47
CA GLU C 250 27.80 15.85 7.36
C GLU C 250 28.18 14.62 6.54
N SER C 251 27.94 14.69 5.23
CA SER C 251 28.30 13.60 4.33
C SER C 251 29.72 13.80 3.82
N ARG C 252 30.32 12.71 3.36
CA ARG C 252 31.69 12.73 2.89
C ARG C 252 31.82 11.90 1.63
N TYR C 253 32.50 12.45 0.62
CA TYR C 253 32.75 11.75 -0.63
C TYR C 253 34.06 10.97 -0.54
N LEU C 254 34.09 10.06 0.44
CA LEU C 254 35.27 9.25 0.70
C LEU C 254 35.47 8.22 -0.40
N PRO C 255 36.69 7.68 -0.53
CA PRO C 255 36.93 6.66 -1.55
C PRO C 255 36.07 5.42 -1.31
N GLU C 256 35.62 4.81 -2.42
CA GLU C 256 34.78 3.62 -2.32
C GLU C 256 35.49 2.52 -1.54
N PHE C 257 36.75 2.27 -1.86
CA PHE C 257 37.62 1.41 -1.07
C PHE C 257 38.70 2.32 -0.48
N SER C 258 38.62 2.57 0.82
CA SER C 258 39.59 3.40 1.52
C SER C 258 40.58 2.49 2.21
N TRP C 259 41.86 2.64 1.87
CA TRP C 259 42.86 1.65 2.26
C TRP C 259 42.89 1.48 3.78
N PRO C 260 43.07 0.27 4.27
CA PRO C 260 43.17 0.07 5.73
C PRO C 260 44.40 0.75 6.31
N GLU C 261 44.28 1.13 7.58
CA GLU C 261 45.36 1.87 8.24
C GLU C 261 46.65 1.07 8.25
N SER C 262 46.56 -0.26 8.42
CA SER C 262 47.76 -1.08 8.46
C SER C 262 48.56 -0.94 7.17
N PHE C 263 47.88 -0.78 6.03
CA PHE C 263 48.57 -0.62 4.76
C PHE C 263 49.15 0.78 4.62
N VAL C 264 48.42 1.79 5.09
CA VAL C 264 48.95 3.16 5.09
C VAL C 264 50.28 3.21 5.82
N LEU C 265 50.34 2.58 7.00
CA LEU C 265 51.57 2.53 7.79
C LEU C 265 52.64 1.71 7.09
N PHE C 266 52.25 0.57 6.51
CA PHE C 266 53.20 -0.24 5.77
C PHE C 266 53.84 0.56 4.64
N LEU C 267 53.03 1.33 3.90
CA LEU C 267 53.56 2.14 2.81
C LEU C 267 54.48 3.22 3.34
N ARG C 268 54.14 3.81 4.48
CA ARG C 268 54.97 4.88 5.06
C ARG C 268 56.38 4.38 5.33
N GLN C 269 56.53 3.18 5.91
CA GLN C 269 57.85 2.66 6.22
C GLN C 269 58.67 2.44 4.95
N ARG C 270 58.07 1.85 3.92
CA ARG C 270 58.80 1.58 2.69
C ARG C 270 59.26 2.87 2.00
N GLN C 271 58.59 3.98 2.25
CA GLN C 271 58.95 5.25 1.63
C GLN C 271 59.61 6.20 2.64
N VAL D 6 -11.30 -66.59 -26.72
CA VAL D 6 -11.72 -65.82 -27.88
C VAL D 6 -11.13 -64.40 -27.83
N PHE D 7 -10.24 -64.11 -28.78
CA PHE D 7 -9.60 -62.80 -28.83
C PHE D 7 -10.60 -61.72 -29.24
N ALA D 8 -10.28 -60.48 -28.88
CA ALA D 8 -11.18 -59.37 -29.16
C ALA D 8 -11.27 -59.12 -30.67
N ARG D 9 -12.49 -58.95 -31.17
CA ARG D 9 -12.73 -58.70 -32.58
C ARG D 9 -13.69 -57.53 -32.72
N ILE D 10 -13.37 -56.60 -33.62
CA ILE D 10 -14.27 -55.50 -33.94
C ILE D 10 -15.27 -55.97 -34.99
N LEU D 11 -16.55 -55.68 -34.77
CA LEU D 11 -17.59 -56.09 -35.70
C LEU D 11 -17.93 -54.95 -36.65
N ARG D 12 -18.56 -53.90 -36.14
CA ARG D 12 -18.80 -52.69 -36.91
C ARG D 12 -17.66 -51.71 -36.63
N ALA D 13 -16.95 -51.31 -37.68
CA ALA D 13 -15.84 -50.37 -37.53
C ALA D 13 -16.32 -48.95 -37.76
N PRO D 14 -15.61 -47.96 -37.23
CA PRO D 14 -15.98 -46.56 -37.51
C PRO D 14 -15.89 -46.27 -38.99
N GLU D 15 -16.87 -45.50 -39.48
CA GLU D 15 -16.91 -45.06 -40.86
C GLU D 15 -16.35 -43.64 -40.93
N SER D 16 -15.78 -43.30 -42.09
CA SER D 16 -15.30 -41.93 -42.29
C SER D 16 -16.47 -41.01 -42.56
N HIS D 17 -16.33 -39.75 -42.12
CA HIS D 17 -17.37 -38.76 -42.29
C HIS D 17 -16.78 -37.50 -42.91
N ASN D 18 -17.61 -36.82 -43.70
CA ASN D 18 -17.24 -35.57 -44.40
C ASN D 18 -18.34 -34.56 -44.06
N VAL D 19 -18.17 -33.86 -42.95
CA VAL D 19 -19.22 -33.02 -42.40
C VAL D 19 -18.86 -31.55 -42.63
N THR D 20 -19.79 -30.67 -42.26
CA THR D 20 -19.57 -29.23 -42.35
C THR D 20 -19.19 -28.67 -41.00
N PHE D 21 -18.66 -27.44 -41.02
CA PHE D 21 -18.16 -26.83 -39.80
C PHE D 21 -19.25 -26.73 -38.75
N GLY D 22 -18.94 -27.18 -37.53
CA GLY D 22 -19.89 -27.09 -36.45
C GLY D 22 -21.02 -28.10 -36.52
N SER D 23 -20.72 -29.34 -36.89
CA SER D 23 -21.70 -30.41 -36.91
C SER D 23 -21.47 -31.33 -35.73
N PHE D 24 -22.55 -31.97 -35.30
CA PHE D 24 -22.48 -33.05 -34.32
C PHE D 24 -22.50 -34.39 -35.04
N VAL D 25 -21.50 -35.22 -34.76
CA VAL D 25 -21.35 -36.50 -35.42
C VAL D 25 -21.14 -37.57 -34.37
N THR D 26 -21.65 -38.77 -34.65
CA THR D 26 -21.45 -39.94 -33.80
C THR D 26 -20.66 -40.98 -34.58
N LEU D 27 -19.58 -41.47 -33.98
CA LEU D 27 -18.82 -42.57 -34.53
C LEU D 27 -19.22 -43.86 -33.80
N HIS D 28 -19.34 -44.95 -34.56
CA HIS D 28 -19.75 -46.23 -34.02
C HIS D 28 -18.59 -47.21 -34.06
N CYS D 29 -18.51 -48.06 -33.04
CA CYS D 29 -17.53 -49.14 -32.99
C CYS D 29 -18.10 -50.22 -32.08
N THR D 30 -18.29 -51.42 -32.60
CA THR D 30 -18.78 -52.54 -31.82
C THR D 30 -17.76 -53.66 -31.86
N ALA D 31 -17.65 -54.39 -30.75
CA ALA D 31 -16.66 -55.46 -30.68
C ALA D 31 -17.21 -56.60 -29.83
N THR D 32 -16.58 -57.77 -29.97
CA THR D 32 -16.98 -58.97 -29.25
C THR D 32 -15.74 -59.75 -28.86
N GLY D 33 -15.91 -60.64 -27.90
CA GLY D 33 -14.82 -61.47 -27.41
C GLY D 33 -15.21 -62.11 -26.10
N ILE D 34 -14.33 -62.99 -25.64
CA ILE D 34 -14.51 -63.62 -24.33
C ILE D 34 -13.22 -63.44 -23.53
N PRO D 35 -13.21 -62.58 -22.49
CA PRO D 35 -14.37 -61.81 -22.02
C PRO D 35 -14.71 -60.66 -22.95
N VAL D 36 -15.88 -60.05 -22.74
CA VAL D 36 -16.32 -58.89 -23.53
C VAL D 36 -15.20 -57.86 -23.53
N PRO D 37 -14.77 -57.40 -24.70
CA PRO D 37 -13.68 -56.42 -24.76
C PRO D 37 -14.15 -55.04 -24.29
N THR D 38 -13.17 -54.19 -24.03
CA THR D 38 -13.40 -52.77 -23.78
C THR D 38 -13.10 -51.98 -25.05
N ILE D 39 -13.70 -50.80 -25.14
CA ILE D 39 -13.51 -49.93 -26.29
C ILE D 39 -12.96 -48.60 -25.80
N THR D 40 -11.77 -48.25 -26.28
CA THR D 40 -11.14 -46.96 -26.05
C THR D 40 -11.13 -46.17 -27.35
N TRP D 41 -11.29 -44.85 -27.25
CA TRP D 41 -11.28 -43.98 -28.42
C TRP D 41 -10.03 -43.09 -28.41
N ILE D 42 -9.39 -42.99 -29.57
CA ILE D 42 -8.19 -42.19 -29.75
C ILE D 42 -8.50 -41.09 -30.76
N GLU D 43 -8.14 -39.85 -30.43
CA GLU D 43 -8.31 -38.71 -31.33
C GLU D 43 -6.94 -38.17 -31.70
N ASN D 44 -6.56 -38.37 -32.98
CA ASN D 44 -5.32 -37.81 -33.52
C ASN D 44 -4.10 -38.21 -32.70
N GLY D 45 -4.12 -39.44 -32.17
CA GLY D 45 -3.04 -39.95 -31.36
C GLY D 45 -3.27 -39.85 -29.88
N ASN D 46 -3.96 -38.81 -29.40
CA ASN D 46 -4.16 -38.63 -27.98
C ASN D 46 -5.62 -38.93 -27.60
N ALA D 47 -5.96 -38.66 -26.34
CA ALA D 47 -7.31 -38.86 -25.87
C ALA D 47 -8.27 -37.90 -26.57
N VAL D 48 -9.56 -38.21 -26.47
CA VAL D 48 -10.58 -37.34 -27.04
C VAL D 48 -10.67 -36.07 -26.21
N SER D 49 -10.46 -34.92 -26.85
CA SER D 49 -10.48 -33.66 -26.12
C SER D 49 -11.87 -33.36 -25.55
N SER D 50 -12.90 -33.53 -26.37
CA SER D 50 -14.25 -33.18 -25.95
C SER D 50 -15.23 -34.09 -26.68
N GLY D 51 -16.07 -34.78 -25.91
CA GLY D 51 -17.05 -35.67 -26.51
C GLY D 51 -17.82 -36.41 -25.43
N SER D 52 -18.60 -37.39 -25.88
CA SER D 52 -19.43 -38.20 -25.01
C SER D 52 -19.41 -39.63 -25.51
N ILE D 53 -19.16 -40.59 -24.62
CA ILE D 53 -19.13 -42.00 -24.96
C ILE D 53 -20.31 -42.69 -24.30
N GLN D 54 -21.21 -43.24 -25.11
CA GLN D 54 -22.33 -44.03 -24.62
C GLN D 54 -22.08 -45.49 -24.98
N GLU D 55 -22.01 -46.35 -23.96
CA GLU D 55 -21.64 -47.75 -24.14
C GLU D 55 -22.79 -48.67 -23.73
N SER D 56 -22.88 -49.81 -24.42
CA SER D 56 -23.87 -50.83 -24.09
C SER D 56 -23.24 -52.19 -24.36
N VAL D 57 -23.61 -53.18 -23.53
CA VAL D 57 -23.13 -54.55 -23.69
C VAL D 57 -24.34 -55.49 -23.72
N LYS D 58 -24.41 -56.33 -24.74
CA LYS D 58 -25.48 -57.30 -24.87
C LYS D 58 -24.98 -58.50 -25.66
N ASP D 59 -25.22 -59.70 -25.13
CA ASP D 59 -24.85 -60.95 -25.77
C ASP D 59 -23.38 -60.96 -26.18
N ARG D 60 -22.52 -60.53 -25.25
CA ARG D 60 -21.07 -60.50 -25.42
C ARG D 60 -20.64 -59.55 -26.53
N VAL D 61 -21.47 -58.58 -26.88
CA VAL D 61 -21.12 -57.53 -27.85
C VAL D 61 -21.17 -56.19 -27.13
N ILE D 62 -20.09 -55.42 -27.24
CA ILE D 62 -20.05 -54.06 -26.69
C ILE D 62 -20.30 -53.06 -27.81
N ASP D 63 -21.26 -52.18 -27.61
CA ASP D 63 -21.64 -51.15 -28.58
C ASP D 63 -21.23 -49.80 -28.01
N SER D 64 -20.15 -49.25 -28.56
CA SER D 64 -19.62 -47.96 -28.12
C SER D 64 -19.91 -46.91 -29.19
N ARG D 65 -20.32 -45.73 -28.74
CA ARG D 65 -20.67 -44.64 -29.64
C ARG D 65 -20.03 -43.36 -29.13
N LEU D 66 -19.12 -42.79 -29.93
CA LEU D 66 -18.46 -41.54 -29.59
C LEU D 66 -19.15 -40.40 -30.33
N GLN D 67 -19.69 -39.45 -29.57
CA GLN D 67 -20.33 -38.27 -30.12
C GLN D 67 -19.37 -37.09 -30.02
N LEU D 68 -19.19 -36.37 -31.12
CA LEU D 68 -18.27 -35.26 -31.15
C LEU D 68 -18.92 -34.03 -31.76
N PHE D 69 -18.31 -32.88 -31.51
CA PHE D 69 -18.63 -31.62 -32.17
C PHE D 69 -17.46 -31.30 -33.08
N ILE D 70 -17.67 -31.39 -34.39
CA ILE D 70 -16.59 -31.30 -35.35
C ILE D 70 -16.39 -29.84 -35.73
N THR D 71 -15.24 -29.30 -35.34
CA THR D 71 -14.78 -27.99 -35.80
C THR D 71 -13.47 -28.06 -36.57
N LYS D 72 -12.74 -29.17 -36.47
CA LYS D 72 -11.47 -29.39 -37.14
C LYS D 72 -11.42 -30.83 -37.60
N PRO D 73 -10.75 -31.10 -38.72
CA PRO D 73 -10.59 -32.49 -39.16
C PRO D 73 -9.75 -33.29 -38.17
N GLY D 74 -9.93 -34.61 -38.19
CA GLY D 74 -9.23 -35.45 -37.24
C GLY D 74 -9.24 -36.90 -37.64
N LEU D 75 -8.33 -37.66 -37.03
CA LEU D 75 -8.22 -39.11 -37.22
C LEU D 75 -8.64 -39.79 -35.92
N TYR D 76 -9.74 -40.54 -35.98
CA TYR D 76 -10.27 -41.23 -34.81
C TYR D 76 -10.06 -42.73 -34.96
N THR D 77 -9.80 -43.38 -33.83
CA THR D 77 -9.49 -44.80 -33.79
C THR D 77 -10.17 -45.42 -32.59
N CYS D 78 -10.71 -46.62 -32.77
CA CYS D 78 -11.32 -47.37 -31.66
C CYS D 78 -10.48 -48.61 -31.38
N ILE D 79 -10.18 -48.81 -30.10
CA ILE D 79 -9.25 -49.85 -29.64
C ILE D 79 -10.07 -50.85 -28.84
N ALA D 80 -10.25 -52.05 -29.38
CA ALA D 80 -10.99 -53.12 -28.71
C ALA D 80 -10.00 -54.05 -28.02
N THR D 81 -10.18 -54.25 -26.72
CA THR D 81 -9.18 -54.95 -25.91
C THR D 81 -9.86 -55.86 -24.89
N ASN D 82 -9.41 -57.12 -24.82
CA ASN D 82 -9.76 -58.01 -23.73
C ASN D 82 -8.50 -58.73 -23.28
N LYS D 83 -8.61 -59.49 -22.18
CA LYS D 83 -7.46 -60.14 -21.58
C LYS D 83 -7.71 -61.63 -21.41
N HIS D 84 -6.66 -62.42 -21.62
CA HIS D 84 -6.70 -63.87 -21.41
C HIS D 84 -5.57 -64.22 -20.45
N GLY D 85 -5.90 -64.36 -19.17
CA GLY D 85 -4.89 -64.49 -18.15
C GLY D 85 -4.16 -63.18 -17.95
N GLU D 86 -2.92 -63.10 -18.40
CA GLU D 86 -2.11 -61.89 -18.27
C GLU D 86 -1.75 -61.28 -19.62
N LYS D 87 -2.32 -61.76 -20.71
CA LYS D 87 -2.02 -61.29 -22.06
C LYS D 87 -3.22 -60.52 -22.61
N PHE D 88 -2.99 -59.28 -23.02
CA PHE D 88 -4.02 -58.49 -23.68
C PHE D 88 -4.08 -58.86 -25.17
N SER D 89 -5.27 -58.71 -25.74
CA SER D 89 -5.49 -58.88 -27.18
C SER D 89 -6.23 -57.66 -27.68
N THR D 90 -5.74 -57.07 -28.77
CA THR D 90 -6.21 -55.76 -29.21
C THR D 90 -6.51 -55.74 -30.69
N ALA D 91 -7.69 -55.22 -31.03
CA ALA D 91 -8.10 -54.93 -32.41
C ALA D 91 -8.26 -53.43 -32.59
N LYS D 92 -7.82 -52.93 -33.74
CA LYS D 92 -7.82 -51.50 -34.03
C LYS D 92 -8.63 -51.22 -35.29
N ALA D 93 -9.24 -50.03 -35.32
CA ALA D 93 -9.95 -49.59 -36.50
C ALA D 93 -10.04 -48.07 -36.45
N ALA D 94 -9.72 -47.41 -37.57
CA ALA D 94 -9.63 -45.96 -37.60
C ALA D 94 -10.53 -45.39 -38.67
N ALA D 95 -10.90 -44.12 -38.48
CA ALA D 95 -11.75 -43.39 -39.41
C ALA D 95 -11.37 -41.91 -39.37
N THR D 96 -11.52 -41.25 -40.51
CA THR D 96 -11.13 -39.85 -40.65
C THR D 96 -12.38 -38.98 -40.81
N ILE D 97 -12.47 -37.93 -40.00
CA ILE D 97 -13.53 -36.94 -40.12
C ILE D 97 -12.94 -35.70 -40.78
N SER D 98 -13.54 -35.28 -41.89
CA SER D 98 -13.04 -34.16 -42.68
C SER D 98 -14.13 -33.10 -42.85
N ILE D 99 -13.68 -31.87 -43.14
CA ILE D 99 -14.55 -30.70 -43.20
C ILE D 99 -14.81 -30.36 -44.67
N ALA D 100 -16.01 -29.84 -44.95
CA ALA D 100 -16.46 -29.60 -46.31
C ALA D 100 -16.97 -28.18 -46.49
N GLU D 101 -16.86 -27.68 -47.72
CA GLU D 101 -17.31 -26.34 -48.12
C GLU D 101 -16.92 -25.25 -47.13
N ASN D 109 -27.38 -12.33 -42.57
CA ASN D 109 -26.82 -13.45 -43.32
C ASN D 109 -25.80 -14.22 -42.49
N LYS D 110 -25.41 -13.64 -41.35
CA LYS D 110 -24.45 -14.28 -40.46
C LYS D 110 -25.12 -15.11 -39.37
N GLY D 111 -26.44 -15.08 -39.28
CA GLY D 111 -27.13 -15.88 -38.29
C GLY D 111 -28.63 -15.62 -38.33
N TYR D 112 -29.30 -16.00 -37.25
CA TYR D 112 -30.72 -15.74 -37.12
C TYR D 112 -31.08 -15.54 -35.65
N CYS D 113 -32.15 -14.79 -35.41
CA CYS D 113 -32.68 -14.53 -34.08
C CYS D 113 -33.81 -15.50 -33.77
N ALA D 114 -33.87 -15.94 -32.51
CA ALA D 114 -34.91 -16.87 -32.07
C ALA D 114 -34.92 -16.89 -30.55
N GLN D 115 -35.95 -17.54 -30.00
CA GLN D 115 -36.07 -17.69 -28.56
C GLN D 115 -35.19 -18.84 -28.07
N TYR D 116 -34.58 -18.66 -26.90
CA TYR D 116 -33.74 -19.70 -26.34
C TYR D 116 -34.61 -20.85 -25.84
N ARG D 117 -34.29 -22.07 -26.29
CA ARG D 117 -35.06 -23.25 -25.92
C ARG D 117 -34.21 -24.33 -25.27
N GLY D 118 -32.99 -24.00 -24.85
CA GLY D 118 -32.10 -24.96 -24.22
C GLY D 118 -32.32 -25.07 -22.73
N GLU D 119 -31.33 -25.65 -22.06
CA GLU D 119 -31.42 -25.92 -20.63
C GLU D 119 -30.34 -25.22 -19.80
N VAL D 120 -29.10 -25.15 -20.30
CA VAL D 120 -27.99 -24.67 -19.51
C VAL D 120 -28.18 -23.20 -19.12
N CYS D 121 -28.88 -22.43 -19.95
CA CYS D 121 -29.09 -21.01 -19.71
C CYS D 121 -30.54 -20.67 -19.39
N ASN D 122 -31.32 -21.66 -18.92
CA ASN D 122 -32.74 -21.46 -18.69
C ASN D 122 -33.00 -20.39 -17.64
N ALA D 123 -32.07 -20.17 -16.72
CA ALA D 123 -32.27 -19.19 -15.66
C ALA D 123 -31.81 -17.80 -16.07
N VAL D 124 -30.63 -17.70 -16.68
CA VAL D 124 -30.07 -16.40 -17.02
C VAL D 124 -30.85 -15.73 -18.14
N LEU D 125 -31.06 -16.45 -19.24
CA LEU D 125 -31.73 -15.88 -20.39
C LEU D 125 -33.23 -15.76 -20.14
N ALA D 126 -33.83 -14.76 -20.79
CA ALA D 126 -35.24 -14.48 -20.61
C ALA D 126 -36.09 -15.34 -21.54
N LYS D 127 -37.27 -15.72 -21.04
CA LYS D 127 -38.19 -16.56 -21.80
C LYS D 127 -38.96 -15.79 -22.87
N ASP D 128 -38.67 -14.50 -23.04
CA ASP D 128 -39.39 -13.67 -24.01
C ASP D 128 -38.42 -12.72 -24.71
N ALA D 129 -37.24 -13.21 -25.08
CA ALA D 129 -36.24 -12.43 -25.78
C ALA D 129 -35.67 -13.25 -26.93
N LEU D 130 -34.99 -12.58 -27.85
CA LEU D 130 -34.43 -13.20 -29.04
C LEU D 130 -32.92 -13.20 -28.94
N VAL D 131 -32.31 -14.39 -29.06
CA VAL D 131 -30.86 -14.51 -29.01
C VAL D 131 -30.33 -14.75 -30.42
N PHE D 132 -29.03 -14.54 -30.58
CA PHE D 132 -28.38 -14.67 -31.88
C PHE D 132 -27.80 -16.06 -32.04
N LEU D 133 -28.22 -16.76 -33.09
CA LEU D 133 -27.75 -18.12 -33.37
C LEU D 133 -26.83 -18.06 -34.58
N ASN D 134 -25.53 -18.24 -34.33
CA ASN D 134 -24.48 -18.05 -35.33
C ASN D 134 -24.55 -19.19 -36.34
N THR D 135 -25.03 -18.89 -37.55
CA THR D 135 -25.20 -19.90 -38.59
C THR D 135 -23.89 -20.29 -39.27
N SER D 136 -22.74 -19.81 -38.77
CA SER D 136 -21.48 -20.41 -39.18
C SER D 136 -21.41 -21.86 -38.75
N TYR D 137 -22.14 -22.25 -37.71
CA TYR D 137 -22.23 -23.63 -37.26
C TYR D 137 -23.37 -24.33 -37.97
N ALA D 138 -23.15 -25.60 -38.31
CA ALA D 138 -24.24 -26.39 -38.90
C ALA D 138 -25.34 -26.68 -37.89
N ASP D 139 -24.99 -26.76 -36.61
CA ASP D 139 -25.95 -27.03 -35.54
C ASP D 139 -25.84 -25.90 -34.52
N PRO D 140 -26.50 -24.76 -34.77
CA PRO D 140 -26.24 -23.56 -33.97
C PRO D 140 -26.67 -23.68 -32.51
N GLU D 141 -27.89 -24.17 -32.28
CA GLU D 141 -28.42 -24.19 -30.92
C GLU D 141 -27.69 -25.21 -30.03
N GLU D 142 -27.24 -26.34 -30.60
CA GLU D 142 -26.32 -27.23 -29.89
C GLU D 142 -25.02 -26.54 -29.59
N ALA D 143 -24.34 -26.15 -30.67
CA ALA D 143 -22.98 -25.63 -30.57
C ALA D 143 -22.89 -24.63 -29.45
N GLN D 144 -23.82 -23.68 -29.43
CA GLN D 144 -23.79 -22.66 -28.39
C GLN D 144 -24.20 -23.22 -27.04
N GLU D 145 -25.08 -24.23 -27.01
CA GLU D 145 -25.36 -24.90 -25.76
C GLU D 145 -24.13 -25.65 -25.26
N LEU D 146 -23.41 -26.31 -26.17
CA LEU D 146 -22.16 -26.97 -25.79
C LEU D 146 -21.10 -25.96 -25.38
N LEU D 147 -21.04 -24.82 -26.08
CA LEU D 147 -20.03 -23.81 -25.77
C LEU D 147 -20.16 -23.34 -24.34
N VAL D 148 -21.40 -23.16 -23.85
CA VAL D 148 -21.60 -22.76 -22.47
C VAL D 148 -21.07 -23.85 -21.52
N HIS D 149 -21.43 -25.10 -21.80
CA HIS D 149 -20.89 -26.21 -21.01
C HIS D 149 -19.37 -26.27 -21.12
N THR D 150 -18.82 -25.92 -22.28
CA THR D 150 -17.37 -25.94 -22.44
C THR D 150 -16.69 -24.92 -21.53
N ALA D 151 -17.28 -23.73 -21.42
CA ALA D 151 -16.69 -22.70 -20.55
C ALA D 151 -16.74 -23.12 -19.09
N TRP D 152 -17.85 -23.70 -18.65
CA TRP D 152 -17.94 -24.19 -17.27
C TRP D 152 -16.83 -25.19 -16.97
N ASN D 153 -16.50 -26.03 -17.95
CA ASN D 153 -15.42 -26.99 -17.75
C ASN D 153 -14.07 -26.30 -17.64
N GLU D 154 -13.92 -25.12 -18.26
CA GLU D 154 -12.66 -24.39 -18.14
C GLU D 154 -12.51 -23.76 -16.76
N LEU D 155 -13.60 -23.23 -16.20
CA LEU D 155 -13.55 -22.60 -14.88
C LEU D 155 -13.40 -23.63 -13.76
N LYS D 156 -13.88 -24.86 -13.99
CA LYS D 156 -13.78 -25.98 -13.03
C LYS D 156 -14.58 -25.61 -11.79
N VAL D 157 -14.04 -25.77 -10.58
CA VAL D 157 -14.76 -25.41 -9.37
C VAL D 157 -14.99 -23.90 -9.33
N VAL D 158 -16.18 -23.51 -8.87
CA VAL D 158 -16.54 -22.10 -8.76
C VAL D 158 -17.00 -21.84 -7.33
N SER D 159 -16.72 -20.64 -6.86
CA SER D 159 -17.16 -20.25 -5.53
C SER D 159 -18.65 -19.89 -5.56
N PRO D 160 -19.34 -20.05 -4.43
CA PRO D 160 -20.77 -19.68 -4.39
C PRO D 160 -21.03 -18.24 -4.81
N VAL D 161 -20.09 -17.32 -4.59
CA VAL D 161 -20.27 -15.95 -5.04
C VAL D 161 -19.86 -15.78 -6.50
N CYS D 162 -19.10 -16.72 -7.06
CA CYS D 162 -18.70 -16.66 -8.46
C CYS D 162 -19.72 -17.30 -9.39
N ARG D 163 -20.42 -18.34 -8.94
CA ARG D 163 -21.32 -19.09 -9.81
C ARG D 163 -22.39 -18.22 -10.46
N PRO D 164 -23.18 -17.43 -9.71
CA PRO D 164 -24.21 -16.62 -10.38
C PRO D 164 -23.64 -15.63 -11.37
N ALA D 165 -22.42 -15.14 -11.13
CA ALA D 165 -21.81 -14.19 -12.06
C ALA D 165 -21.29 -14.90 -13.31
N ALA D 166 -20.72 -16.10 -13.14
CA ALA D 166 -20.24 -16.84 -14.30
C ALA D 166 -21.40 -17.31 -15.18
N GLU D 167 -22.47 -17.82 -14.56
CA GLU D 167 -23.64 -18.27 -15.32
C GLU D 167 -24.16 -17.15 -16.20
N ALA D 168 -24.28 -15.94 -15.64
CA ALA D 168 -24.77 -14.80 -16.43
C ALA D 168 -23.78 -14.44 -17.54
N LEU D 169 -22.49 -14.35 -17.21
CA LEU D 169 -21.49 -13.93 -18.18
C LEU D 169 -21.43 -14.90 -19.36
N LEU D 170 -21.36 -16.20 -19.08
CA LEU D 170 -21.26 -17.18 -20.16
C LEU D 170 -22.54 -17.19 -21.00
N CYS D 171 -23.70 -17.19 -20.33
CA CYS D 171 -24.96 -17.26 -21.07
C CYS D 171 -25.21 -16.02 -21.90
N ASN D 172 -24.71 -14.86 -21.46
CA ASN D 172 -24.92 -13.64 -22.25
C ASN D 172 -23.88 -13.51 -23.37
N HIS D 173 -22.70 -14.12 -23.20
CA HIS D 173 -21.66 -14.01 -24.20
C HIS D 173 -21.87 -14.99 -25.35
N ILE D 174 -22.44 -16.15 -25.08
CA ILE D 174 -22.63 -17.19 -26.09
C ILE D 174 -24.02 -17.13 -26.69
N PHE D 175 -25.03 -16.79 -25.90
CA PHE D 175 -26.37 -16.52 -26.40
C PHE D 175 -26.63 -15.02 -26.31
N GLN D 176 -25.93 -14.28 -27.15
CA GLN D 176 -26.08 -12.83 -27.18
C GLN D 176 -27.45 -12.44 -27.71
N GLU D 177 -27.93 -11.29 -27.24
CA GLU D 177 -29.23 -10.80 -27.70
C GLU D 177 -29.10 -10.16 -29.08
N CYS D 178 -30.21 -10.18 -29.83
CA CYS D 178 -30.23 -9.62 -31.17
C CYS D 178 -30.48 -8.12 -31.10
N SER D 179 -29.72 -7.37 -31.90
CA SER D 179 -29.92 -5.93 -31.97
C SER D 179 -31.25 -5.63 -32.67
N PRO D 180 -31.92 -4.56 -32.26
CA PRO D 180 -33.10 -4.10 -33.01
C PRO D 180 -32.71 -3.72 -34.43
N GLY D 181 -33.43 -4.28 -35.38
CA GLY D 181 -33.15 -4.09 -36.80
C GLY D 181 -33.43 -5.36 -37.57
N VAL D 182 -33.59 -5.20 -38.89
CA VAL D 182 -33.94 -6.33 -39.74
C VAL D 182 -32.77 -7.30 -39.86
N VAL D 183 -31.57 -6.78 -40.06
CA VAL D 183 -30.39 -7.65 -40.18
C VAL D 183 -30.08 -8.26 -38.82
N PRO D 184 -30.00 -9.60 -38.70
CA PRO D 184 -29.71 -10.23 -37.41
C PRO D 184 -28.28 -9.95 -36.98
N THR D 185 -28.11 -9.33 -35.81
CA THR D 185 -26.81 -8.93 -35.33
C THR D 185 -26.75 -9.10 -33.81
N PRO D 186 -25.73 -9.75 -33.29
CA PRO D 186 -25.66 -10.00 -31.85
C PRO D 186 -25.21 -8.79 -31.06
N ILE D 187 -25.78 -8.66 -29.86
CA ILE D 187 -25.38 -7.63 -28.91
C ILE D 187 -24.35 -8.24 -27.97
N PRO D 188 -23.09 -7.82 -28.04
CA PRO D 188 -22.06 -8.42 -27.19
C PRO D 188 -22.14 -7.94 -25.75
N ILE D 189 -21.36 -8.58 -24.90
CA ILE D 189 -21.27 -8.16 -23.50
C ILE D 189 -20.25 -7.03 -23.39
N CYS D 190 -20.49 -6.12 -22.45
CA CYS D 190 -19.57 -5.00 -22.24
C CYS D 190 -18.30 -5.48 -21.55
N ARG D 191 -17.20 -4.75 -21.80
CA ARG D 191 -15.92 -5.11 -21.18
C ARG D 191 -15.99 -5.02 -19.66
N GLU D 192 -16.68 -4.00 -19.13
CA GLU D 192 -16.79 -3.84 -17.68
C GLU D 192 -17.48 -5.05 -17.05
N TYR D 193 -18.57 -5.51 -17.67
CA TYR D 193 -19.21 -6.77 -17.31
C TYR D 193 -18.18 -7.89 -17.18
N CYS D 194 -17.46 -8.15 -18.27
CA CYS D 194 -16.45 -9.21 -18.28
C CYS D 194 -15.40 -8.96 -17.21
N LEU D 195 -14.84 -7.75 -17.16
CA LEU D 195 -13.80 -7.43 -16.20
C LEU D 195 -14.30 -7.58 -14.77
N ALA D 196 -15.59 -7.34 -14.53
CA ALA D 196 -16.14 -7.47 -13.18
C ALA D 196 -16.08 -8.90 -12.70
N VAL D 197 -16.54 -9.84 -13.53
CA VAL D 197 -16.54 -11.25 -13.13
C VAL D 197 -15.11 -11.79 -13.05
N LYS D 198 -14.24 -11.35 -13.96
CA LYS D 198 -12.88 -11.87 -14.00
C LYS D 198 -12.01 -11.33 -12.88
N GLU D 199 -12.22 -10.08 -12.46
CA GLU D 199 -11.35 -9.46 -11.47
C GLU D 199 -11.98 -9.39 -10.08
N LEU D 200 -13.27 -9.69 -9.93
CA LEU D 200 -13.91 -9.63 -8.63
C LEU D 200 -14.58 -10.94 -8.25
N PHE D 201 -15.73 -11.25 -8.86
CA PHE D 201 -16.53 -12.39 -8.41
C PHE D 201 -15.83 -13.71 -8.65
N CYS D 202 -15.23 -13.88 -9.83
CA CYS D 202 -14.57 -15.14 -10.20
C CYS D 202 -13.06 -14.96 -10.33
N ALA D 203 -12.51 -13.98 -9.60
CA ALA D 203 -11.10 -13.64 -9.76
C ALA D 203 -10.19 -14.84 -9.48
N LYS D 204 -10.46 -15.56 -8.40
CA LYS D 204 -9.69 -16.77 -8.10
C LYS D 204 -9.84 -17.80 -9.21
N GLU D 205 -11.08 -18.17 -9.52
CA GLU D 205 -11.36 -19.15 -10.57
C GLU D 205 -10.70 -18.76 -11.88
N TRP D 206 -10.77 -17.49 -12.23
CA TRP D 206 -10.15 -17.02 -13.48
C TRP D 206 -8.64 -17.18 -13.42
N LEU D 207 -8.05 -16.93 -12.25
CA LEU D 207 -6.59 -17.05 -12.11
C LEU D 207 -6.14 -18.50 -12.31
N VAL D 208 -6.85 -19.45 -11.69
CA VAL D 208 -6.45 -20.86 -11.82
C VAL D 208 -6.62 -21.35 -13.24
N MET D 209 -7.58 -20.80 -13.99
CA MET D 209 -7.78 -21.24 -15.36
C MET D 209 -6.81 -20.57 -16.32
N GLU D 210 -6.38 -19.35 -16.03
CA GLU D 210 -5.31 -18.71 -16.81
C GLU D 210 -3.95 -19.37 -16.58
N GLU D 211 -3.86 -20.35 -15.68
CA GLU D 211 -2.62 -21.07 -15.43
C GLU D 211 -2.49 -22.27 -16.35
N SER D 220 -6.47 -23.51 -27.35
CA SER D 220 -7.64 -24.34 -27.60
C SER D 220 -8.72 -23.55 -28.31
N GLU D 221 -9.06 -23.96 -29.55
CA GLU D 221 -10.10 -23.26 -30.29
C GLU D 221 -11.42 -23.26 -29.55
N MET D 222 -11.67 -24.30 -28.73
CA MET D 222 -12.90 -24.32 -27.94
C MET D 222 -12.84 -23.28 -26.83
N HIS D 223 -11.66 -23.08 -26.24
CA HIS D 223 -11.53 -22.13 -25.15
C HIS D 223 -11.88 -20.71 -25.61
N LEU D 224 -11.31 -20.27 -26.73
CA LEU D 224 -11.50 -18.89 -27.14
C LEU D 224 -12.88 -18.62 -27.72
N LEU D 225 -13.66 -19.65 -28.03
CA LEU D 225 -15.03 -19.44 -28.47
C LEU D 225 -16.02 -19.42 -27.31
N SER D 226 -15.68 -20.08 -26.20
CA SER D 226 -16.60 -20.23 -25.07
C SER D 226 -16.36 -19.23 -23.95
N VAL D 227 -15.12 -18.86 -23.70
CA VAL D 227 -14.76 -17.99 -22.58
C VAL D 227 -14.48 -16.59 -23.12
N PRO D 228 -15.05 -15.53 -22.56
CA PRO D 228 -14.83 -14.18 -23.08
C PRO D 228 -13.45 -13.66 -22.74
N GLU D 229 -12.90 -12.87 -23.68
CA GLU D 229 -11.70 -12.08 -23.46
C GLU D 229 -12.15 -10.63 -23.33
N CYS D 230 -12.05 -10.09 -22.11
CA CYS D 230 -12.53 -8.72 -21.87
C CYS D 230 -11.83 -7.71 -22.76
N SER D 231 -10.55 -7.95 -23.08
CA SER D 231 -9.78 -6.99 -23.88
C SER D 231 -10.42 -6.75 -25.24
N LYS D 232 -11.14 -7.74 -25.77
CA LYS D 232 -11.72 -7.62 -27.10
C LYS D 232 -13.23 -7.40 -27.03
N LEU D 233 -13.66 -6.44 -26.23
CA LEU D 233 -15.07 -6.13 -26.02
C LEU D 233 -15.26 -4.63 -26.05
N PRO D 234 -16.46 -4.16 -26.38
CA PRO D 234 -16.73 -2.72 -26.30
C PRO D 234 -16.92 -2.29 -24.85
N SER D 235 -16.81 -0.98 -24.64
CA SER D 235 -17.00 -0.39 -23.32
C SER D 235 -18.42 0.10 -23.17
N MET D 236 -19.01 -0.14 -22.00
CA MET D 236 -20.36 0.35 -21.71
C MET D 236 -20.45 1.85 -21.92
N HIS D 237 -19.40 2.60 -21.56
CA HIS D 237 -19.44 4.04 -21.63
C HIS D 237 -19.31 4.58 -23.04
N TRP D 238 -18.79 3.79 -23.97
CA TRP D 238 -18.77 4.21 -25.38
C TRP D 238 -20.18 4.38 -25.93
N ASP D 239 -21.07 3.45 -25.60
CA ASP D 239 -22.46 3.44 -26.02
C ASP D 239 -23.18 2.33 -25.26
N PRO D 240 -23.91 2.67 -24.18
CA PRO D 240 -24.50 1.63 -23.35
C PRO D 240 -25.75 1.02 -23.95
N THR D 241 -26.06 1.37 -25.21
CA THR D 241 -27.10 0.70 -25.97
C THR D 241 -26.55 -0.45 -26.82
N ALA D 242 -25.23 -0.57 -26.94
CA ALA D 242 -24.60 -1.48 -27.87
C ALA D 242 -23.95 -2.68 -27.19
N CYS D 243 -24.16 -2.88 -25.90
CA CYS D 243 -23.63 -4.05 -25.21
C CYS D 243 -24.46 -4.32 -23.96
N ALA D 244 -24.29 -5.52 -23.42
CA ALA D 244 -25.07 -5.98 -22.28
C ALA D 244 -24.29 -5.80 -20.98
N ARG D 245 -24.97 -5.34 -19.94
CA ARG D 245 -24.38 -5.01 -18.65
C ARG D 245 -24.73 -6.03 -17.59
N LEU D 246 -23.97 -6.03 -16.51
CA LEU D 246 -24.15 -7.00 -15.43
C LEU D 246 -25.59 -6.93 -14.89
N PRO D 247 -26.32 -8.06 -14.86
CA PRO D 247 -27.69 -8.18 -14.36
C PRO D 247 -27.78 -8.59 -12.89
N SER D 251 -28.07 -14.77 -5.48
CA SER D 251 -27.81 -15.51 -4.24
C SER D 251 -28.99 -16.40 -3.91
N ARG D 252 -28.72 -17.61 -3.43
CA ARG D 252 -29.77 -18.61 -3.19
C ARG D 252 -29.70 -19.29 -1.83
N TYR D 253 -28.58 -19.23 -1.12
CA TYR D 253 -28.39 -19.91 0.17
C TYR D 253 -28.80 -21.37 0.10
N LEU D 254 -28.36 -22.04 -0.97
CA LEU D 254 -28.58 -23.46 -1.14
C LEU D 254 -27.77 -24.25 -0.12
N PRO D 255 -28.08 -25.53 0.06
CA PRO D 255 -27.26 -26.36 0.96
C PRO D 255 -25.79 -26.33 0.56
N GLU D 256 -24.91 -26.35 1.56
CA GLU D 256 -23.48 -26.38 1.30
C GLU D 256 -23.11 -27.59 0.45
N PHE D 257 -23.56 -28.77 0.85
CA PHE D 257 -23.46 -29.99 0.05
C PHE D 257 -24.87 -30.32 -0.42
N SER D 258 -25.19 -29.93 -1.66
CA SER D 258 -26.45 -30.29 -2.29
C SER D 258 -26.29 -31.67 -2.91
N TRP D 259 -27.12 -32.61 -2.49
CA TRP D 259 -26.95 -34.00 -2.89
C TRP D 259 -26.97 -34.12 -4.41
N PRO D 260 -26.16 -34.99 -4.99
CA PRO D 260 -26.20 -35.22 -6.44
C PRO D 260 -27.55 -35.79 -6.88
N GLU D 261 -27.96 -35.41 -8.10
CA GLU D 261 -29.21 -35.92 -8.64
C GLU D 261 -29.22 -37.45 -8.72
N SER D 262 -28.05 -38.06 -8.87
CA SER D 262 -27.97 -39.52 -8.88
C SER D 262 -28.49 -40.11 -7.57
N PHE D 263 -28.04 -39.56 -6.44
CA PHE D 263 -28.52 -40.03 -5.15
C PHE D 263 -29.99 -39.66 -4.96
N VAL D 264 -30.38 -38.47 -5.42
CA VAL D 264 -31.79 -38.05 -5.33
C VAL D 264 -32.68 -39.08 -6.01
N LEU D 265 -32.30 -39.51 -7.21
CA LEU D 265 -33.10 -40.50 -7.94
C LEU D 265 -32.98 -41.87 -7.30
N PHE D 266 -31.80 -42.23 -6.79
CA PHE D 266 -31.64 -43.49 -6.08
C PHE D 266 -32.56 -43.54 -4.86
N LEU D 267 -32.58 -42.45 -4.08
CA LEU D 267 -33.52 -42.33 -2.97
C LEU D 267 -34.95 -42.50 -3.45
N ARG D 268 -35.31 -41.83 -4.55
CA ARG D 268 -36.69 -41.85 -5.03
C ARG D 268 -37.10 -43.26 -5.44
N GLN D 269 -36.34 -43.86 -6.37
CA GLN D 269 -36.72 -45.18 -6.90
C GLN D 269 -36.92 -46.20 -5.78
N ARG D 270 -36.22 -46.04 -4.66
CA ARG D 270 -36.35 -47.06 -3.63
C ARG D 270 -37.50 -46.79 -2.67
N GLN D 271 -37.87 -45.53 -2.46
CA GLN D 271 -39.05 -45.25 -1.65
C GLN D 271 -40.32 -45.63 -2.39
N ARG D 272 -40.31 -45.62 -3.72
CA ARG D 272 -41.44 -46.12 -4.49
C ARG D 272 -41.60 -47.63 -4.36
N GLN D 273 -40.62 -48.32 -3.79
CA GLN D 273 -40.66 -49.78 -3.67
C GLN D 273 -40.75 -50.23 -2.21
C1 NAG E . -23.65 2.91 21.10
C2 NAG E . -23.79 1.46 20.69
C3 NAG E . -23.19 0.55 21.76
C4 NAG E . -21.77 0.97 22.12
C5 NAG E . -21.70 2.47 22.40
C6 NAG E . -20.29 2.97 22.57
C7 NAG E . -25.65 0.67 19.28
C8 NAG E . -27.12 0.39 19.23
N2 NAG E . -25.18 1.12 20.46
O3 NAG E . -23.18 -0.80 21.30
O4 NAG E . -21.38 0.29 23.31
O5 NAG E . -22.28 3.21 21.33
O6 NAG E . -20.18 4.33 22.17
O7 NAG E . -24.92 0.53 18.30
C1 NAG E . -20.18 -0.50 23.20
C2 NAG E . -19.53 -0.52 24.58
C3 NAG E . -18.31 -1.45 24.59
C4 NAG E . -18.67 -2.81 24.04
C5 NAG E . -19.31 -2.67 22.67
C6 NAG E . -19.77 -3.97 22.07
C7 NAG E . -19.86 1.58 25.85
C8 NAG E . -21.14 0.97 26.37
N2 NAG E . -19.15 0.82 25.00
O3 NAG E . -17.85 -1.59 25.94
O4 NAG E . -17.50 -3.63 23.95
O5 NAG E . -20.46 -1.82 22.76
O6 NAG E . -20.75 -3.77 21.05
O7 NAG E . -19.50 2.70 26.17
C1 NAG F . 10.77 22.01 -20.74
C2 NAG F . 11.98 21.16 -20.41
C3 NAG F . 12.31 20.27 -21.60
C4 NAG F . 11.10 19.44 -22.02
C5 NAG F . 9.81 20.28 -22.10
C6 NAG F . 8.55 19.44 -22.12
C7 NAG F . 13.56 22.09 -18.79
C8 NAG F . 12.80 21.32 -17.74
N2 NAG F . 13.12 21.98 -20.04
O3 NAG F . 13.39 19.41 -21.26
O4 NAG F . 11.34 18.91 -23.32
O5 NAG F . 9.67 21.17 -20.98
O6 NAG F . 8.27 18.92 -23.41
O7 NAG F . 14.52 22.80 -18.50
C1 NAG F . 11.19 17.49 -23.48
C2 NAG F . 11.02 17.20 -24.98
C3 NAG F . 10.97 15.70 -25.24
C4 NAG F . 12.17 15.00 -24.62
C5 NAG F . 12.24 15.34 -23.14
C6 NAG F . 13.45 14.75 -22.45
C7 NAG F . 9.84 19.01 -26.15
C8 NAG F . 8.50 19.52 -26.63
N2 NAG F . 9.82 17.84 -25.50
O3 NAG F . 10.93 15.45 -26.64
O4 NAG F . 12.09 13.60 -24.80
O5 NAG F . 12.32 16.77 -22.98
O6 NAG F . 13.30 14.78 -21.04
O7 NAG F . 10.87 19.64 -26.35
C1 NAG G . 26.26 4.77 35.49
C2 NAG G . 24.79 5.06 35.22
C3 NAG G . 23.90 4.07 35.97
C4 NAG G . 24.33 2.62 35.70
C5 NAG G . 25.84 2.44 35.87
C6 NAG G . 26.31 1.10 35.39
C7 NAG G . 24.05 7.35 34.72
C8 NAG G . 23.73 8.70 35.29
N2 NAG G . 24.44 6.42 35.59
O3 NAG G . 22.56 4.24 35.57
O4 NAG G . 23.72 1.77 36.67
O5 NAG G . 26.57 3.43 35.12
O6 NAG G . 27.71 1.09 35.10
O7 NAG G . 23.94 7.11 33.52
C1 NAG G . 22.87 0.75 36.17
C2 NAG G . 22.90 -0.41 37.18
C3 NAG G . 21.88 -1.49 36.83
C4 NAG G . 20.50 -0.89 36.60
C5 NAG G . 20.60 0.20 35.54
C6 NAG G . 19.29 0.91 35.28
C7 NAG G . 25.10 -0.70 38.24
C8 NAG G . 26.42 -1.39 38.17
N2 NAG G . 24.23 -0.99 37.26
O3 NAG G . 21.82 -2.44 37.88
O4 NAG G . 19.58 -1.89 36.19
O5 NAG G . 21.52 1.20 35.99
O6 NAG G . 19.42 1.86 34.24
O7 NAG G . 24.83 0.09 39.14
C1 NAG H . -19.51 -17.29 -35.67
C2 NAG H . -18.95 -15.89 -35.44
C3 NAG H . -17.63 -15.71 -36.19
C4 NAG H . -16.66 -16.84 -35.90
C5 NAG H . -17.34 -18.21 -36.03
C6 NAG H . -16.46 -19.34 -35.52
C7 NAG H . -20.51 -14.03 -35.02
C8 NAG H . -21.46 -13.05 -35.65
N2 NAG H . -19.91 -14.88 -35.87
O3 NAG H . -17.04 -14.47 -35.82
O4 NAG H . -15.61 -16.79 -36.86
O5 NAG H . -18.55 -18.25 -35.26
O6 NAG H . -17.23 -20.52 -35.26
O7 NAG H . -20.30 -14.04 -33.81
C1 NAG H . -14.28 -16.71 -36.33
C2 NAG H . -13.34 -17.29 -37.38
C3 NAG H . -11.88 -17.16 -36.92
C4 NAG H . -11.56 -15.72 -36.56
C5 NAG H . -12.56 -15.22 -35.52
C6 NAG H . -12.37 -13.76 -35.18
C7 NAG H . -14.44 -19.03 -38.69
C8 NAG H . -14.67 -20.51 -38.86
N2 NAG H . -13.66 -18.68 -37.67
O3 NAG H . -11.03 -17.60 -37.97
O4 NAG H . -10.23 -15.61 -36.06
O5 NAG H . -13.89 -15.37 -36.01
O6 NAG H . -13.63 -13.10 -35.07
O7 NAG H . -14.96 -18.21 -39.45
C1 NAG I . -15.51 -33.86 -48.77
C2 NAG I . -14.21 -34.34 -49.42
C3 NAG I . -13.65 -33.23 -50.31
C4 NAG I . -14.69 -32.83 -51.36
C5 NAG I . -16.00 -32.43 -50.69
C6 NAG I . -17.12 -32.19 -51.68
C7 NAG I . -12.94 -36.03 -48.19
C8 NAG I . -13.72 -37.05 -48.97
N2 NAG I . -13.22 -34.75 -48.44
O3 NAG I . -12.46 -33.68 -50.95
O4 NAG I . -14.20 -31.75 -52.14
O5 NAG I . -16.45 -33.47 -49.80
O6 NAG I . -16.69 -31.38 -52.77
O7 NAG I . -12.09 -36.36 -47.37
#